data_4DA9
#
_entry.id   4DA9
#
_cell.length_a   71.333
_cell.length_b   126.589
_cell.length_c   127.093
_cell.angle_alpha   90.000
_cell.angle_beta   90.000
_cell.angle_gamma   90.000
#
_symmetry.space_group_name_H-M   'P 21 21 21'
#
loop_
_entity.id
_entity.type
_entity.pdbx_description
1 polymer 'Short-chain dehydrogenase/reductase'
2 non-polymer 'SULFATE ION'
3 water water
#
_entity_poly.entity_id   1
_entity_poly.type   'polypeptide(L)'
_entity_poly.pdbx_seq_one_letter_code
;(MSE)HHHHHHSSGVDLGTENLYFQS(MSE)(MSE)TQKARPVAIVTGGRRGIGLGIARALAASGFDIAITGIGDAEGVA
PVIAELSGLGARVIFLRADLADLSSHQATVDAVVAEFGRIDCLVNNAGIASIVRDDFLDLKPENFDTIVGVNLRGTVFFT
QAVLKA(MSE)LASDARASRSIINITSVSAV(MSE)TSPERLDYC(MSE)SKAGLAAFSQGLALRLAETGIAVFEVRPGI
IRSD(MSE)TAAVSGKYDGLIESGLVP(MSE)RRWGEPEDIGNIVAGLAGGQFGFATGSVIQADGGLSIGRL
;
_entity_poly.pdbx_strand_id   A,B,C,D
#
loop_
_chem_comp.id
_chem_comp.type
_chem_comp.name
_chem_comp.formula
SO4 non-polymer 'SULFATE ION' 'O4 S -2'
#
# COMPACT_ATOMS: atom_id res chain seq x y z
N MSE A 23 -2.86 -44.68 7.45
CA MSE A 23 -3.90 -45.36 8.21
C MSE A 23 -3.28 -46.12 9.33
O MSE A 23 -4.02 -46.65 10.18
CB MSE A 23 -4.65 -46.34 7.32
N MSE A 24 -1.97 -46.26 9.35
CA MSE A 24 -1.37 -46.96 10.45
C MSE A 24 -1.63 -46.15 11.66
O MSE A 24 -2.09 -46.65 12.69
CB MSE A 24 0.13 -47.04 10.20
CG MSE A 24 0.73 -48.29 10.81
SE MSE A 24 -0.08 -48.55 12.57
CE MSE A 24 0.37 -50.44 12.84
N THR A 25 -1.42 -44.85 11.53
CA THR A 25 -1.37 -43.95 12.66
C THR A 25 -2.48 -42.95 12.53
N GLN A 26 -3.22 -42.75 13.60
CA GLN A 26 -4.38 -41.87 13.54
C GLN A 26 -3.97 -40.43 13.69
N LYS A 27 -4.53 -39.56 12.89
CA LYS A 27 -4.19 -38.13 12.95
C LYS A 27 -5.28 -37.36 13.68
N ALA A 28 -4.87 -36.38 14.49
CA ALA A 28 -5.82 -35.51 15.16
C ALA A 28 -6.58 -34.70 14.12
N ARG A 29 -7.86 -34.46 14.38
CA ARG A 29 -8.52 -33.36 13.70
C ARG A 29 -8.04 -32.08 14.36
N PRO A 30 -7.40 -31.18 13.59
CA PRO A 30 -7.02 -29.92 14.23
C PRO A 30 -8.25 -29.09 14.60
N VAL A 31 -8.07 -28.21 15.59
CA VAL A 31 -9.19 -27.51 16.23
C VAL A 31 -9.23 -26.03 15.82
N ALA A 32 -10.39 -25.61 15.29
CA ALA A 32 -10.62 -24.20 14.94
C ALA A 32 -11.71 -23.50 15.78
N ILE A 33 -11.35 -22.34 16.33
CA ILE A 33 -12.34 -21.44 16.94
C ILE A 33 -12.76 -20.46 15.84
N VAL A 34 -14.07 -20.42 15.57
CA VAL A 34 -14.61 -19.49 14.60
C VAL A 34 -15.58 -18.58 15.33
N THR A 35 -15.19 -17.32 15.57
CA THR A 35 -16.11 -16.42 16.26
C THR A 35 -17.22 -15.94 15.32
N GLY A 36 -18.41 -15.74 15.85
CA GLY A 36 -19.57 -15.47 15.00
C GLY A 36 -19.78 -16.55 13.95
N GLY A 37 -19.32 -17.78 14.20
CA GLY A 37 -19.44 -18.86 13.20
C GLY A 37 -20.83 -19.42 12.97
N ARG A 38 -21.82 -18.87 13.69
CA ARG A 38 -23.19 -19.35 13.66
C ARG A 38 -23.90 -19.11 12.33
N ARG A 39 -23.56 -18.00 11.67
CA ARG A 39 -24.28 -17.58 10.46
C ARG A 39 -23.39 -16.73 9.56
N GLY A 40 -23.90 -16.40 8.37
CA GLY A 40 -23.17 -15.53 7.45
C GLY A 40 -21.80 -16.05 7.06
N ILE A 41 -20.86 -15.14 6.88
CA ILE A 41 -19.52 -15.52 6.48
C ILE A 41 -18.92 -16.53 7.45
N GLY A 42 -19.03 -16.23 8.74
CA GLY A 42 -18.64 -17.16 9.80
C GLY A 42 -19.06 -18.60 9.56
N LEU A 43 -20.31 -18.83 9.19
CA LEU A 43 -20.80 -20.19 8.97
C LEU A 43 -20.25 -20.79 7.67
N GLY A 44 -20.11 -19.96 6.64
CA GLY A 44 -19.41 -20.37 5.44
C GLY A 44 -18.01 -20.84 5.79
N ILE A 45 -17.36 -20.16 6.74
CA ILE A 45 -16.01 -20.57 7.18
C ILE A 45 -15.97 -21.88 7.98
N ALA A 46 -16.92 -22.06 8.91
CA ALA A 46 -17.01 -23.26 9.72
C ALA A 46 -17.31 -24.49 8.87
N ARG A 47 -18.23 -24.37 7.91
CA ARG A 47 -18.47 -25.42 6.91
C ARG A 47 -17.17 -25.85 6.19
N ALA A 48 -16.48 -24.89 5.59
CA ALA A 48 -15.28 -25.21 4.84
C ALA A 48 -14.23 -25.88 5.73
N LEU A 49 -14.10 -25.41 6.95
CA LEU A 49 -13.11 -26.00 7.86
C LEU A 49 -13.57 -27.39 8.31
N ALA A 50 -14.84 -27.52 8.67
CA ALA A 50 -15.39 -28.84 8.99
C ALA A 50 -15.14 -29.80 7.83
N ALA A 51 -15.51 -29.37 6.63
CA ALA A 51 -15.41 -30.22 5.46
C ALA A 51 -13.95 -30.61 5.19
N SER A 52 -13.01 -29.75 5.58
CA SER A 52 -11.61 -30.04 5.29
C SER A 52 -10.84 -30.66 6.48
N GLY A 53 -11.56 -31.15 7.48
CA GLY A 53 -10.95 -31.98 8.51
C GLY A 53 -10.76 -31.38 9.88
N PHE A 54 -11.37 -30.22 10.15
CA PHE A 54 -11.23 -29.56 11.46
C PHE A 54 -12.37 -29.91 12.39
N ASP A 55 -12.07 -30.02 13.68
CA ASP A 55 -13.09 -29.92 14.69
C ASP A 55 -13.34 -28.43 14.98
N ILE A 56 -14.56 -28.10 15.42
CA ILE A 56 -15.00 -26.72 15.42
C ILE A 56 -15.58 -26.22 16.76
N ALA A 57 -15.10 -25.07 17.21
CA ALA A 57 -15.71 -24.37 18.34
C ALA A 57 -16.18 -23.01 17.86
N ILE A 58 -17.49 -22.82 17.87
CA ILE A 58 -18.07 -21.54 17.52
C ILE A 58 -18.44 -20.79 18.78
N THR A 59 -18.15 -19.49 18.79
CA THR A 59 -18.56 -18.60 19.86
C THR A 59 -19.61 -17.61 19.36
N GLY A 60 -20.43 -17.10 20.27
CA GLY A 60 -21.48 -16.13 19.92
C GLY A 60 -22.43 -15.97 21.07
N ILE A 61 -23.38 -15.05 20.94
CA ILE A 61 -24.40 -14.82 21.98
C ILE A 61 -25.74 -15.47 21.62
N GLY A 62 -25.86 -15.95 20.37
CA GLY A 62 -27.09 -16.53 19.85
C GLY A 62 -27.69 -17.58 20.76
N ASP A 63 -29.01 -17.73 20.72
CA ASP A 63 -29.71 -18.70 21.54
C ASP A 63 -29.53 -20.16 21.06
N ALA A 64 -29.88 -21.11 21.90
CA ALA A 64 -29.73 -22.54 21.60
C ALA A 64 -30.45 -23.00 20.33
N GLU A 65 -31.66 -22.50 20.08
CA GLU A 65 -32.48 -22.91 18.92
C GLU A 65 -31.86 -22.45 17.60
N GLY A 66 -31.20 -21.29 17.62
CA GLY A 66 -30.44 -20.79 16.48
C GLY A 66 -29.26 -21.68 16.13
N VAL A 67 -28.62 -22.24 17.16
CA VAL A 67 -27.34 -22.95 17.05
C VAL A 67 -27.52 -24.40 16.64
N ALA A 68 -28.62 -25.01 17.11
CA ALA A 68 -28.82 -26.45 16.99
C ALA A 68 -28.65 -27.00 15.57
N PRO A 69 -29.38 -26.43 14.58
CA PRO A 69 -29.22 -27.00 13.22
C PRO A 69 -27.82 -26.79 12.61
N VAL A 70 -27.10 -25.76 13.05
CA VAL A 70 -25.71 -25.54 12.63
C VAL A 70 -24.77 -26.61 13.15
N ILE A 71 -24.88 -26.93 14.44
CA ILE A 71 -24.10 -28.02 15.03
C ILE A 71 -24.42 -29.34 14.31
N ALA A 72 -25.70 -29.60 14.08
CA ALA A 72 -26.13 -30.83 13.37
C ALA A 72 -25.52 -30.92 11.95
N GLU A 73 -25.59 -29.81 11.21
CA GLU A 73 -25.05 -29.78 9.87
C GLU A 73 -23.54 -29.99 9.86
N LEU A 74 -22.83 -29.17 10.63
CA LEU A 74 -21.39 -29.26 10.69
C LEU A 74 -20.95 -30.64 11.14
N SER A 75 -21.65 -31.20 12.11
CA SER A 75 -21.38 -32.57 12.54
C SER A 75 -21.50 -33.54 11.40
N GLY A 76 -22.46 -33.26 10.50
CA GLY A 76 -22.68 -34.07 9.30
C GLY A 76 -21.44 -34.22 8.44
N LEU A 77 -20.70 -33.11 8.28
CA LEU A 77 -19.47 -33.05 7.52
C LEU A 77 -18.28 -33.76 8.19
N GLY A 78 -18.54 -34.47 9.29
CA GLY A 78 -17.51 -35.23 10.01
C GLY A 78 -16.77 -34.53 11.15
N ALA A 79 -17.24 -33.36 11.55
CA ALA A 79 -16.59 -32.62 12.62
C ALA A 79 -17.27 -32.84 13.96
N ARG A 80 -16.49 -32.73 15.04
CA ARG A 80 -17.05 -32.58 16.36
C ARG A 80 -17.15 -31.07 16.59
N VAL A 81 -18.34 -30.62 16.95
CA VAL A 81 -18.63 -29.20 16.99
C VAL A 81 -19.15 -28.80 18.36
N ILE A 82 -18.60 -27.70 18.91
CA ILE A 82 -19.24 -27.07 20.06
C ILE A 82 -19.57 -25.63 19.83
N PHE A 83 -20.65 -25.20 20.49
CA PHE A 83 -20.99 -23.79 20.59
C PHE A 83 -20.79 -23.29 22.03
N LEU A 84 -20.09 -22.17 22.14
CA LEU A 84 -19.83 -21.51 23.40
C LEU A 84 -20.56 -20.19 23.36
N ARG A 85 -21.58 -20.07 24.21
CA ARG A 85 -22.36 -18.85 24.36
C ARG A 85 -21.60 -17.92 25.29
N ALA A 86 -20.99 -16.91 24.70
CA ALA A 86 -20.18 -15.97 25.43
C ALA A 86 -20.12 -14.68 24.62
N ASP A 87 -20.11 -13.56 25.32
CA ASP A 87 -20.00 -12.23 24.70
C ASP A 87 -18.52 -11.84 24.68
N LEU A 88 -17.89 -11.97 23.53
CA LEU A 88 -16.45 -11.63 23.43
C LEU A 88 -16.08 -10.16 23.67
N ALA A 89 -17.08 -9.27 23.63
CA ALA A 89 -16.89 -7.87 23.98
C ALA A 89 -16.51 -7.76 25.45
N ASP A 90 -16.98 -8.72 26.25
CA ASP A 90 -16.70 -8.76 27.68
C ASP A 90 -15.44 -9.56 27.98
N LEU A 91 -14.35 -8.84 28.30
CA LEU A 91 -13.04 -9.47 28.52
C LEU A 91 -13.01 -10.53 29.61
N SER A 92 -13.88 -10.44 30.61
CA SER A 92 -13.86 -11.45 31.68
C SER A 92 -14.44 -12.81 31.24
N SER A 93 -15.05 -12.86 30.07
CA SER A 93 -15.54 -14.14 29.53
C SER A 93 -14.49 -14.90 28.73
N HIS A 94 -13.35 -14.26 28.44
CA HIS A 94 -12.37 -14.87 27.54
C HIS A 94 -11.74 -16.14 28.06
N GLN A 95 -11.22 -16.08 29.27
CA GLN A 95 -10.51 -17.22 29.84
C GLN A 95 -11.44 -18.45 29.94
N ALA A 96 -12.69 -18.25 30.36
CA ALA A 96 -13.63 -19.35 30.47
C ALA A 96 -13.89 -19.96 29.10
N THR A 97 -13.97 -19.11 28.09
CA THR A 97 -14.28 -19.56 26.72
C THR A 97 -13.12 -20.36 26.19
N VAL A 98 -11.90 -19.86 26.40
CA VAL A 98 -10.71 -20.57 25.90
C VAL A 98 -10.64 -21.95 26.58
N ASP A 99 -10.87 -21.96 27.89
CA ASP A 99 -10.82 -23.16 28.71
C ASP A 99 -11.90 -24.16 28.32
N ALA A 100 -13.06 -23.69 27.85
CA ALA A 100 -14.08 -24.64 27.48
C ALA A 100 -13.68 -25.37 26.19
N VAL A 101 -12.94 -24.68 25.31
CA VAL A 101 -12.38 -25.31 24.09
C VAL A 101 -11.32 -26.36 24.42
N VAL A 102 -10.29 -25.95 25.15
CA VAL A 102 -9.25 -26.89 25.59
C VAL A 102 -9.89 -28.08 26.32
N ALA A 103 -10.89 -27.83 27.16
CA ALA A 103 -11.56 -28.95 27.87
C ALA A 103 -12.26 -29.92 26.93
N GLU A 104 -12.75 -29.45 25.79
CA GLU A 104 -13.43 -30.33 24.86
C GLU A 104 -12.45 -31.09 23.97
N PHE A 105 -11.40 -30.43 23.51
CA PHE A 105 -10.53 -30.96 22.45
C PHE A 105 -9.08 -31.12 22.88
N GLY A 106 -8.69 -30.45 23.96
CA GLY A 106 -7.32 -30.50 24.46
C GLY A 106 -6.26 -29.74 23.68
N ARG A 107 -6.66 -28.98 22.67
CA ARG A 107 -5.72 -28.28 21.77
C ARG A 107 -6.47 -27.21 20.98
N ILE A 108 -5.73 -26.23 20.47
CA ILE A 108 -6.28 -25.18 19.60
C ILE A 108 -5.26 -24.90 18.49
N ASP A 109 -5.69 -25.01 17.24
CA ASP A 109 -4.78 -24.87 16.10
C ASP A 109 -5.03 -23.63 15.26
N CYS A 110 -6.26 -23.15 15.26
CA CYS A 110 -6.65 -22.08 14.39
C CYS A 110 -7.71 -21.21 15.07
N LEU A 111 -7.46 -19.91 15.03
CA LEU A 111 -8.45 -18.93 15.41
C LEU A 111 -8.87 -18.10 14.21
N VAL A 112 -10.20 -18.03 14.01
CA VAL A 112 -10.76 -17.17 12.99
C VAL A 112 -11.51 -16.04 13.68
N ASN A 113 -10.91 -14.84 13.65
CA ASN A 113 -11.53 -13.63 14.20
C ASN A 113 -12.47 -13.04 13.18
N ASN A 114 -13.74 -13.37 13.32
CA ASN A 114 -14.73 -13.06 12.28
C ASN A 114 -15.66 -11.99 12.83
N ALA A 115 -15.53 -10.79 12.26
CA ALA A 115 -16.03 -9.54 12.88
C ALA A 115 -17.55 -9.39 12.90
N GLY A 116 -18.17 -9.52 11.73
CA GLY A 116 -19.62 -9.34 11.57
C GLY A 116 -19.99 -7.99 11.00
N ASP A 123 -22.77 6.58 6.94
CA ASP A 123 -23.14 7.61 7.91
C ASP A 123 -22.23 8.85 7.78
N ASP A 124 -22.83 10.03 7.95
CA ASP A 124 -22.10 11.32 7.87
C ASP A 124 -21.32 11.57 9.15
N PHE A 125 -20.09 12.06 8.99
CA PHE A 125 -19.13 12.15 10.09
C PHE A 125 -19.52 13.13 11.18
N LEU A 126 -20.22 14.21 10.81
CA LEU A 126 -20.66 15.23 11.76
C LEU A 126 -21.73 14.70 12.72
N ASP A 127 -22.29 13.52 12.39
CA ASP A 127 -23.30 12.86 13.22
C ASP A 127 -22.69 11.84 14.17
N LEU A 128 -21.41 11.54 13.98
CA LEU A 128 -20.74 10.51 14.76
C LEU A 128 -20.74 10.84 16.24
N LYS A 129 -21.18 9.86 17.02
CA LYS A 129 -21.28 9.95 18.47
C LYS A 129 -20.17 9.15 19.13
N PRO A 130 -19.61 9.67 20.22
CA PRO A 130 -18.63 8.94 21.02
C PRO A 130 -19.12 7.54 21.44
N GLU A 131 -20.43 7.40 21.67
CA GLU A 131 -21.06 6.09 21.91
C GLU A 131 -20.68 5.06 20.85
N ASN A 132 -20.73 5.49 19.59
CA ASN A 132 -20.43 4.63 18.44
C ASN A 132 -18.95 4.28 18.38
N PHE A 133 -18.08 5.26 18.64
CA PHE A 133 -16.65 4.99 18.64
C PHE A 133 -16.32 4.01 19.78
N ASP A 134 -16.79 4.31 20.98
CA ASP A 134 -16.63 3.44 22.15
C ASP A 134 -17.02 2.00 21.85
N THR A 135 -18.22 1.81 21.29
CA THR A 135 -18.71 0.49 20.93
C THR A 135 -17.80 -0.20 19.93
N ILE A 136 -17.50 0.49 18.84
CA ILE A 136 -16.85 -0.17 17.71
C ILE A 136 -15.33 -0.31 17.85
N VAL A 137 -14.68 0.75 18.34
CA VAL A 137 -13.23 0.75 18.51
C VAL A 137 -12.84 0.40 19.95
N GLY A 138 -13.42 1.10 20.91
CA GLY A 138 -13.12 0.89 22.33
C GLY A 138 -13.51 -0.48 22.85
N VAL A 139 -14.61 -1.04 22.34
CA VAL A 139 -15.14 -2.31 22.87
C VAL A 139 -14.96 -3.49 21.91
N ASN A 140 -15.54 -3.40 20.71
CA ASN A 140 -15.42 -4.50 19.75
C ASN A 140 -13.98 -4.85 19.38
N LEU A 141 -13.20 -3.88 18.90
CA LEU A 141 -11.83 -4.12 18.47
C LEU A 141 -10.99 -4.64 19.63
N ARG A 142 -11.20 -4.02 20.80
CA ARG A 142 -10.51 -4.42 22.01
C ARG A 142 -10.79 -5.90 22.31
N GLY A 143 -12.05 -6.30 22.20
CA GLY A 143 -12.49 -7.70 22.39
C GLY A 143 -11.74 -8.68 21.51
N THR A 144 -11.60 -8.32 20.24
CA THR A 144 -10.84 -9.15 19.31
C THR A 144 -9.36 -9.23 19.67
N VAL A 145 -8.74 -8.07 19.97
CA VAL A 145 -7.31 -8.06 20.33
C VAL A 145 -7.08 -8.99 21.52
N PHE A 146 -7.93 -8.89 22.53
CA PHE A 146 -7.66 -9.60 23.78
C PHE A 146 -8.08 -11.06 23.81
N PHE A 147 -9.15 -11.41 23.10
CA PHE A 147 -9.46 -12.79 22.89
C PHE A 147 -8.30 -13.45 22.16
N THR A 148 -7.74 -12.76 21.20
CA THR A 148 -6.59 -13.31 20.48
C THR A 148 -5.42 -13.61 21.43
N GLN A 149 -5.09 -12.65 22.27
CA GLN A 149 -4.13 -12.89 23.36
C GLN A 149 -4.48 -14.15 24.18
N ALA A 150 -5.74 -14.27 24.61
CA ALA A 150 -6.13 -15.44 25.43
C ALA A 150 -5.97 -16.74 24.65
N VAL A 151 -6.34 -16.74 23.38
CA VAL A 151 -6.19 -17.94 22.56
C VAL A 151 -4.72 -18.21 22.30
N LEU A 152 -3.97 -17.18 21.96
CA LEU A 152 -2.57 -17.32 21.66
C LEU A 152 -1.83 -18.01 22.81
N LYS A 153 -2.14 -17.60 24.04
CA LYS A 153 -1.49 -18.13 25.24
C LYS A 153 -1.71 -19.63 25.37
N ALA A 154 -2.95 -20.07 25.17
CA ALA A 154 -3.25 -21.49 25.13
C ALA A 154 -2.54 -22.21 23.96
N MSE A 155 -2.46 -21.57 22.79
CA MSE A 155 -1.69 -22.16 21.68
C MSE A 155 -0.24 -22.33 22.05
O MSE A 155 0.34 -23.38 21.79
CB MSE A 155 -1.74 -21.35 20.40
CG MSE A 155 -3.15 -21.32 19.81
SE MSE A 155 -3.10 -20.15 18.22
CE MSE A 155 -4.84 -20.67 17.46
N LEU A 156 0.36 -21.32 22.68
CA LEU A 156 1.80 -21.32 22.96
C LEU A 156 2.19 -22.25 24.10
N ALA A 157 1.23 -22.61 24.92
CA ALA A 157 1.38 -23.62 25.91
C ALA A 157 1.57 -24.99 25.34
N SER A 158 0.87 -25.31 24.28
CA SER A 158 0.76 -26.70 23.88
C SER A 158 2.05 -27.35 23.51
N ASP A 159 2.83 -26.66 22.72
CA ASP A 159 4.14 -27.19 22.45
C ASP A 159 4.13 -28.27 21.38
N ALA A 160 2.96 -28.66 20.91
CA ALA A 160 2.96 -29.74 19.96
C ALA A 160 3.79 -29.13 18.88
N ARG A 161 3.57 -27.85 18.71
CA ARG A 161 4.22 -27.05 17.65
C ARG A 161 4.00 -27.51 16.20
N ALA A 162 2.73 -27.74 15.85
CA ALA A 162 2.34 -27.94 14.46
C ALA A 162 2.15 -26.56 13.79
N SER A 163 1.49 -26.55 12.62
CA SER A 163 1.27 -25.31 11.89
C SER A 163 -0.08 -24.74 12.31
N ARG A 164 -0.04 -23.58 12.95
CA ARG A 164 -1.25 -22.94 13.42
C ARG A 164 -1.44 -21.62 12.71
N SER A 165 -2.67 -21.11 12.78
CA SER A 165 -2.97 -19.88 12.07
C SER A 165 -3.89 -19.04 12.92
N ILE A 166 -3.73 -17.73 12.76
CA ILE A 166 -4.71 -16.76 13.26
C ILE A 166 -5.14 -15.95 12.05
N ILE A 167 -6.42 -16.05 11.75
CA ILE A 167 -6.98 -15.48 10.54
C ILE A 167 -8.00 -14.43 10.91
N ASN A 168 -7.71 -13.20 10.49
CA ASN A 168 -8.56 -12.07 10.84
C ASN A 168 -9.39 -11.62 9.65
N ILE A 169 -10.72 -11.67 9.80
CA ILE A 169 -11.63 -11.31 8.73
C ILE A 169 -12.08 -9.88 8.96
N THR A 170 -11.75 -9.01 8.03
CA THR A 170 -12.11 -7.60 8.13
C THR A 170 -13.19 -7.31 7.10
N SER A 171 -12.81 -6.63 6.00
CA SER A 171 -13.69 -6.36 4.83
C SER A 171 -13.05 -5.49 3.74
N VAL A 172 -13.82 -5.24 2.68
CA VAL A 172 -13.37 -4.62 1.42
C VAL A 172 -12.04 -5.20 0.94
N GLU A 180 -18.25 3.27 4.99
CA GLU A 180 -18.13 4.72 5.06
C GLU A 180 -18.15 5.29 6.50
N ARG A 181 -18.69 4.55 7.46
CA ARG A 181 -18.66 4.98 8.86
C ARG A 181 -17.22 5.00 9.36
N LEU A 182 -16.70 6.20 9.65
CA LEU A 182 -15.27 6.37 9.95
C LEU A 182 -14.75 5.49 11.08
N ASP A 183 -15.55 5.34 12.14
CA ASP A 183 -15.19 4.44 13.23
C ASP A 183 -14.99 2.99 12.74
N TYR A 184 -15.81 2.53 11.79
CA TYR A 184 -15.62 1.20 11.20
C TYR A 184 -14.33 1.15 10.42
N CYS A 185 -14.05 2.20 9.63
CA CYS A 185 -12.78 2.28 8.91
C CYS A 185 -11.60 2.17 9.87
N MSE A 186 -11.72 2.83 11.02
CA MSE A 186 -10.65 2.89 12.01
C MSE A 186 -10.44 1.56 12.65
O MSE A 186 -9.29 1.11 12.82
CB MSE A 186 -10.99 3.96 13.03
CG MSE A 186 -10.66 5.30 12.40
SE MSE A 186 -11.19 6.74 13.63
CE MSE A 186 -9.34 7.13 14.15
N SER A 187 -11.54 0.91 13.03
CA SER A 187 -11.49 -0.43 13.58
C SER A 187 -10.80 -1.39 12.61
N LYS A 188 -11.26 -1.38 11.36
CA LYS A 188 -10.69 -2.19 10.28
C LYS A 188 -9.19 -1.97 10.15
N ALA A 189 -8.78 -0.70 10.08
CA ALA A 189 -7.37 -0.37 9.97
C ALA A 189 -6.58 -0.88 11.18
N GLY A 190 -7.07 -0.61 12.39
CA GLY A 190 -6.48 -1.17 13.60
C GLY A 190 -6.27 -2.68 13.53
N LEU A 191 -7.31 -3.41 13.14
CA LEU A 191 -7.19 -4.85 13.01
C LEU A 191 -6.11 -5.26 11.98
N ALA A 192 -6.00 -4.51 10.88
CA ALA A 192 -4.98 -4.73 9.86
C ALA A 192 -3.57 -4.58 10.44
N ALA A 193 -3.34 -3.49 11.18
CA ALA A 193 -2.09 -3.31 11.90
C ALA A 193 -1.91 -4.39 12.98
N PHE A 194 -2.98 -4.72 13.67
CA PHE A 194 -2.93 -5.84 14.61
C PHE A 194 -2.35 -7.09 13.96
N SER A 195 -2.93 -7.51 12.83
CA SER A 195 -2.50 -8.73 12.12
C SER A 195 -1.05 -8.68 11.67
N GLN A 196 -0.67 -7.57 11.02
CA GLN A 196 0.72 -7.34 10.65
C GLN A 196 1.65 -7.49 11.85
N GLY A 197 1.38 -6.77 12.94
CA GLY A 197 2.26 -6.79 14.11
C GLY A 197 2.34 -8.16 14.75
N LEU A 198 1.20 -8.84 14.81
CA LEU A 198 1.12 -10.15 15.40
C LEU A 198 1.93 -11.17 14.58
N ALA A 199 1.80 -11.06 13.25
CA ALA A 199 2.52 -11.93 12.33
C ALA A 199 4.03 -11.85 12.51
N LEU A 200 4.54 -10.64 12.69
CA LEU A 200 5.97 -10.44 12.95
C LEU A 200 6.37 -11.05 14.30
N ARG A 201 5.59 -10.76 15.34
CA ARG A 201 5.88 -11.28 16.68
C ARG A 201 5.83 -12.82 16.73
N LEU A 202 4.95 -13.43 15.93
CA LEU A 202 4.79 -14.87 15.94
C LEU A 202 5.62 -15.63 14.89
N ALA A 203 6.38 -14.89 14.09
CA ALA A 203 7.18 -15.44 12.97
C ALA A 203 8.09 -16.62 13.30
N GLU A 204 8.50 -16.73 14.55
CA GLU A 204 9.42 -17.79 14.93
C GLU A 204 8.68 -18.99 15.54
N THR A 205 7.35 -18.93 15.57
CA THR A 205 6.59 -19.84 16.41
C THR A 205 5.79 -20.95 15.74
N GLY A 206 5.65 -20.94 14.42
CA GLY A 206 4.79 -21.93 13.72
C GLY A 206 3.32 -21.52 13.66
N ILE A 207 3.03 -20.32 14.15
CA ILE A 207 1.69 -19.77 14.10
C ILE A 207 1.76 -18.64 13.09
N ALA A 208 1.07 -18.84 11.97
CA ALA A 208 1.00 -17.85 10.91
C ALA A 208 -0.20 -16.91 11.15
N VAL A 209 -0.08 -15.64 10.77
CA VAL A 209 -1.16 -14.67 10.93
C VAL A 209 -1.53 -14.10 9.57
N PHE A 210 -2.83 -14.11 9.24
CA PHE A 210 -3.31 -13.67 7.95
C PHE A 210 -4.47 -12.73 8.14
N GLU A 211 -4.70 -11.86 7.15
CA GLU A 211 -5.89 -11.00 7.09
C GLU A 211 -6.63 -11.34 5.80
N VAL A 212 -7.94 -11.46 5.88
CA VAL A 212 -8.80 -11.75 4.74
C VAL A 212 -9.83 -10.62 4.65
N ARG A 213 -9.93 -9.99 3.49
CA ARG A 213 -10.83 -8.83 3.29
C ARG A 213 -11.98 -9.19 2.35
N PRO A 214 -13.10 -9.71 2.90
CA PRO A 214 -14.20 -10.07 2.02
C PRO A 214 -14.84 -8.84 1.42
N GLY A 215 -15.32 -8.98 0.18
CA GLY A 215 -16.09 -7.93 -0.49
C GLY A 215 -17.57 -8.08 -0.18
N ILE A 216 -18.40 -8.07 -1.22
CA ILE A 216 -19.85 -8.12 -1.02
C ILE A 216 -20.39 -9.55 -1.16
N ILE A 217 -21.04 -10.03 -0.09
CA ILE A 217 -21.47 -11.42 -0.01
C ILE A 217 -22.99 -11.57 0.23
N ARG A 218 -23.65 -12.37 -0.60
CA ARG A 218 -25.10 -12.57 -0.53
C ARG A 218 -25.49 -13.66 0.47
N SER A 219 -26.74 -13.64 0.91
CA SER A 219 -27.27 -14.62 1.86
C SER A 219 -28.72 -15.03 1.55
N ARG A 242 -21.67 -12.51 -10.73
CA ARG A 242 -22.52 -11.88 -9.72
C ARG A 242 -21.76 -11.53 -8.43
N TRP A 243 -22.32 -11.90 -7.28
CA TRP A 243 -21.76 -11.59 -5.96
C TRP A 243 -21.11 -12.80 -5.34
N GLY A 244 -20.41 -12.59 -4.22
CA GLY A 244 -19.74 -13.68 -3.50
C GLY A 244 -20.63 -14.46 -2.55
N GLU A 245 -20.31 -15.74 -2.35
CA GLU A 245 -20.99 -16.62 -1.40
C GLU A 245 -20.13 -16.84 -0.13
N PRO A 246 -20.75 -17.14 1.03
CA PRO A 246 -19.93 -17.42 2.22
C PRO A 246 -18.96 -18.61 2.00
N GLU A 247 -19.33 -19.51 1.11
CA GLU A 247 -18.48 -20.62 0.66
C GLU A 247 -17.14 -20.16 0.02
N ASP A 248 -17.18 -19.05 -0.71
CA ASP A 248 -15.98 -18.44 -1.26
C ASP A 248 -15.01 -17.95 -0.18
N ILE A 249 -15.52 -17.26 0.83
CA ILE A 249 -14.67 -16.88 1.97
C ILE A 249 -14.24 -18.14 2.71
N GLY A 250 -15.18 -19.05 2.97
CA GLY A 250 -14.86 -20.33 3.59
C GLY A 250 -13.66 -20.96 2.92
N ASN A 251 -13.73 -21.14 1.61
CA ASN A 251 -12.65 -21.77 0.86
C ASN A 251 -11.29 -21.11 1.05
N ILE A 252 -11.27 -19.78 1.04
CA ILE A 252 -10.04 -19.07 1.29
C ILE A 252 -9.54 -19.36 2.70
N VAL A 253 -10.41 -19.22 3.69
CA VAL A 253 -9.99 -19.49 5.07
C VAL A 253 -9.53 -20.95 5.24
N ALA A 254 -10.25 -21.90 4.65
CA ALA A 254 -9.81 -23.29 4.78
C ALA A 254 -8.44 -23.51 4.11
N GLY A 255 -8.21 -22.90 2.96
CA GLY A 255 -6.88 -22.91 2.32
C GLY A 255 -5.76 -22.42 3.22
N LEU A 256 -5.96 -21.26 3.85
CA LEU A 256 -4.95 -20.66 4.73
C LEU A 256 -4.70 -21.48 5.98
N ALA A 257 -5.76 -22.09 6.50
CA ALA A 257 -5.70 -22.86 7.75
C ALA A 257 -5.03 -24.20 7.57
N GLY A 258 -5.10 -24.73 6.35
CA GLY A 258 -4.66 -26.10 6.05
C GLY A 258 -3.17 -26.37 6.03
N GLY A 259 -2.34 -25.34 6.20
CA GLY A 259 -0.89 -25.55 6.40
C GLY A 259 0.01 -25.09 5.26
N GLN A 260 -0.54 -25.01 4.05
CA GLN A 260 0.27 -24.68 2.88
C GLN A 260 0.87 -23.28 2.86
N PHE A 261 0.40 -22.43 3.77
CA PHE A 261 0.79 -21.05 3.74
C PHE A 261 1.67 -20.67 4.92
N GLY A 262 2.17 -21.68 5.64
CA GLY A 262 3.06 -21.44 6.80
C GLY A 262 4.07 -20.34 6.57
N PHE A 263 4.58 -20.19 5.34
CA PHE A 263 5.65 -19.24 5.05
C PHE A 263 5.13 -17.87 4.56
N ALA A 264 3.82 -17.72 4.61
CA ALA A 264 3.17 -16.59 4.00
C ALA A 264 2.54 -15.68 5.06
N THR A 265 2.97 -15.86 6.31
CA THR A 265 2.47 -15.07 7.42
C THR A 265 2.61 -13.58 7.12
N GLY A 266 1.60 -12.81 7.51
CA GLY A 266 1.53 -11.39 7.19
C GLY A 266 0.70 -11.06 5.97
N SER A 267 0.36 -12.07 5.17
CA SER A 267 -0.31 -11.82 3.92
C SER A 267 -1.72 -11.31 4.12
N VAL A 268 -2.20 -10.58 3.12
CA VAL A 268 -3.52 -10.00 3.11
C VAL A 268 -4.16 -10.56 1.88
N ILE A 269 -5.29 -11.25 2.05
CA ILE A 269 -5.97 -11.89 0.95
C ILE A 269 -7.20 -11.05 0.60
N GLN A 270 -7.27 -10.56 -0.65
CA GLN A 270 -8.48 -9.87 -1.12
C GLN A 270 -9.49 -10.94 -1.41
N ALA A 271 -10.73 -10.70 -1.03
CA ALA A 271 -11.75 -11.71 -1.18
C ALA A 271 -13.04 -11.07 -1.64
N ASP A 272 -12.99 -10.47 -2.84
CA ASP A 272 -14.12 -9.75 -3.42
C ASP A 272 -14.25 -10.08 -4.89
N GLY A 273 -13.67 -11.22 -5.29
CA GLY A 273 -13.73 -11.67 -6.67
C GLY A 273 -13.09 -10.70 -7.65
N GLY A 274 -12.18 -9.88 -7.14
CA GLY A 274 -11.42 -8.96 -7.98
C GLY A 274 -12.14 -7.67 -8.28
N LEU A 275 -13.41 -7.59 -7.89
CA LEU A 275 -14.24 -6.42 -8.10
C LEU A 275 -13.55 -5.06 -7.88
N SER A 276 -12.56 -5.00 -6.97
CA SER A 276 -11.68 -3.83 -6.84
C SER A 276 -10.72 -3.73 -8.02
N GLN B 26 19.79 41.69 -7.88
CA GLN B 26 18.88 40.56 -7.58
C GLN B 26 19.63 39.25 -7.32
N LYS B 27 19.12 38.44 -6.39
CA LYS B 27 19.66 37.09 -6.09
C LYS B 27 19.73 36.22 -7.34
N ALA B 28 20.48 35.13 -7.27
CA ALA B 28 20.52 34.16 -8.35
C ALA B 28 19.19 33.41 -8.42
N ARG B 29 18.80 33.01 -9.62
CA ARG B 29 17.56 32.27 -9.78
C ARG B 29 17.79 30.77 -9.94
N PRO B 30 17.16 29.97 -9.06
CA PRO B 30 17.24 28.52 -9.28
C PRO B 30 16.69 28.17 -10.66
N VAL B 31 17.13 27.05 -11.20
CA VAL B 31 16.81 26.67 -12.58
C VAL B 31 16.04 25.35 -12.59
N ALA B 32 14.95 25.30 -13.34
CA ALA B 32 14.14 24.09 -13.39
C ALA B 32 14.03 23.59 -14.84
N ILE B 33 14.16 22.28 -15.03
CA ILE B 33 13.87 21.69 -16.33
C ILE B 33 12.46 21.11 -16.30
N VAL B 34 11.60 21.61 -17.19
CA VAL B 34 10.25 21.07 -17.26
C VAL B 34 10.04 20.33 -18.60
N THR B 35 10.10 19.01 -18.56
CA THR B 35 9.96 18.24 -19.79
C THR B 35 8.49 18.31 -20.15
N GLY B 36 8.22 18.47 -21.44
CA GLY B 36 6.85 18.68 -21.92
C GLY B 36 6.19 19.93 -21.37
N GLY B 37 6.98 20.98 -21.14
CA GLY B 37 6.48 22.21 -20.52
C GLY B 37 5.75 23.19 -21.44
N ARG B 38 5.63 22.85 -22.71
CA ARG B 38 5.04 23.71 -23.73
C ARG B 38 3.53 23.97 -23.51
N ARG B 39 2.84 22.98 -22.94
CA ARG B 39 1.40 23.06 -22.81
C ARG B 39 0.90 22.20 -21.65
N GLY B 40 -0.42 22.18 -21.47
CA GLY B 40 -1.09 21.32 -20.50
C GLY B 40 -0.55 21.45 -19.09
N ILE B 41 -0.54 20.33 -18.38
CA ILE B 41 0.00 20.27 -17.03
C ILE B 41 1.44 20.79 -16.98
N GLY B 42 2.26 20.42 -17.95
CA GLY B 42 3.64 20.87 -18.01
C GLY B 42 3.77 22.39 -17.99
N LEU B 43 2.91 23.06 -18.75
CA LEU B 43 2.86 24.51 -18.76
C LEU B 43 2.39 25.07 -17.42
N GLY B 44 1.44 24.39 -16.79
CA GLY B 44 0.95 24.77 -15.46
C GLY B 44 2.07 24.77 -14.44
N ILE B 45 2.96 23.79 -14.55
CA ILE B 45 4.12 23.69 -13.69
C ILE B 45 5.18 24.75 -14.00
N ALA B 46 5.46 24.94 -15.28
CA ALA B 46 6.47 25.93 -15.64
C ALA B 46 5.94 27.30 -15.22
N ARG B 47 4.65 27.54 -15.42
CA ARG B 47 4.05 28.85 -15.08
C ARG B 47 4.26 29.10 -13.60
N ALA B 48 3.98 28.09 -12.79
CA ALA B 48 3.99 28.23 -11.34
C ALA B 48 5.41 28.27 -10.77
N LEU B 49 6.36 27.62 -11.45
CA LEU B 49 7.76 27.62 -10.98
C LEU B 49 8.44 28.96 -11.33
N ALA B 50 8.06 29.52 -12.46
CA ALA B 50 8.52 30.86 -12.84
C ALA B 50 8.12 31.91 -11.80
N ALA B 51 6.85 31.86 -11.37
CA ALA B 51 6.28 32.78 -10.41
C ALA B 51 6.91 32.66 -9.03
N SER B 52 7.40 31.46 -8.70
CA SER B 52 8.04 31.24 -7.40
C SER B 52 9.55 31.48 -7.43
N GLY B 53 10.06 32.07 -8.51
CA GLY B 53 11.47 32.48 -8.54
C GLY B 53 12.44 31.64 -9.35
N PHE B 54 11.93 30.70 -10.13
CA PHE B 54 12.75 29.87 -11.00
C PHE B 54 12.93 30.44 -12.39
N ASP B 55 14.11 30.26 -12.96
CA ASP B 55 14.29 30.29 -14.41
C ASP B 55 13.96 28.93 -14.94
N ILE B 56 13.63 28.85 -16.22
CA ILE B 56 13.06 27.62 -16.79
C ILE B 56 13.67 27.21 -18.13
N ALA B 57 13.87 25.90 -18.29
CA ALA B 57 14.17 25.32 -19.59
C ALA B 57 13.05 24.33 -19.90
N ILE B 58 12.39 24.55 -21.03
CA ILE B 58 11.31 23.69 -21.48
C ILE B 58 11.78 22.79 -22.62
N THR B 59 11.36 21.55 -22.55
CA THR B 59 11.78 20.50 -23.46
C THR B 59 10.56 20.07 -24.28
N GLY B 60 10.76 19.78 -25.56
CA GLY B 60 9.61 19.36 -26.38
C GLY B 60 9.99 18.68 -27.67
N ILE B 61 9.22 17.66 -28.04
CA ILE B 61 9.49 16.85 -29.23
C ILE B 61 9.24 17.66 -30.48
N GLY B 62 8.29 18.60 -30.40
CA GLY B 62 7.87 19.35 -31.56
C GLY B 62 8.77 20.52 -31.89
N ASP B 63 8.48 21.12 -33.04
CA ASP B 63 9.13 22.34 -33.50
C ASP B 63 8.80 23.51 -32.56
N ALA B 64 9.59 24.56 -32.59
CA ALA B 64 9.55 25.61 -31.60
C ALA B 64 8.54 26.69 -31.92
N GLU B 65 7.61 26.37 -32.80
CA GLU B 65 6.71 27.37 -33.32
C GLU B 65 5.79 28.11 -32.37
N GLY B 66 5.09 27.39 -31.52
CA GLY B 66 4.04 28.01 -30.74
C GLY B 66 4.59 28.46 -29.43
N VAL B 67 5.88 28.27 -29.27
CA VAL B 67 6.56 28.54 -28.02
C VAL B 67 6.64 30.00 -27.61
N ALA B 68 6.80 30.92 -28.55
CA ALA B 68 7.07 32.33 -28.23
C ALA B 68 6.08 32.94 -27.21
N PRO B 69 4.77 32.69 -27.38
CA PRO B 69 3.82 33.17 -26.37
C PRO B 69 4.16 32.74 -24.95
N VAL B 70 4.42 31.45 -24.77
CA VAL B 70 4.80 30.88 -23.47
C VAL B 70 6.05 31.51 -22.88
N ILE B 71 7.07 31.69 -23.69
CA ILE B 71 8.29 32.40 -23.31
C ILE B 71 7.93 33.83 -22.86
N ALA B 72 7.07 34.52 -23.62
CA ALA B 72 6.64 35.87 -23.24
C ALA B 72 5.90 35.91 -21.89
N GLU B 73 4.93 35.02 -21.70
CA GLU B 73 4.18 34.95 -20.45
C GLU B 73 5.07 34.74 -19.21
N LEU B 74 5.97 33.76 -19.28
CA LEU B 74 6.84 33.46 -18.14
C LEU B 74 7.88 34.53 -17.82
N SER B 75 8.31 35.31 -18.82
CA SER B 75 9.15 36.50 -18.60
C SER B 75 8.41 37.54 -17.74
N GLY B 76 7.13 37.74 -18.06
CA GLY B 76 6.23 38.54 -17.24
C GLY B 76 6.25 38.12 -15.77
N LEU B 77 6.38 36.83 -15.53
CA LEU B 77 6.42 36.30 -14.17
C LEU B 77 7.84 36.39 -13.55
N GLY B 78 8.78 36.99 -14.26
CA GLY B 78 10.12 37.23 -13.71
C GLY B 78 11.23 36.29 -14.19
N ALA B 79 10.85 35.30 -15.01
CA ALA B 79 11.72 34.19 -15.39
C ALA B 79 12.38 34.32 -16.76
N ARG B 80 13.66 33.96 -16.82
CA ARG B 80 14.33 33.73 -18.10
C ARG B 80 13.97 32.30 -18.52
N VAL B 81 13.54 32.15 -19.77
CA VAL B 81 13.01 30.89 -20.28
C VAL B 81 13.61 30.54 -21.64
N ILE B 82 13.96 29.28 -21.84
CA ILE B 82 14.40 28.79 -23.14
C ILE B 82 13.63 27.52 -23.51
N PHE B 83 13.54 27.27 -24.81
CA PHE B 83 12.94 26.06 -25.29
C PHE B 83 13.98 25.20 -26.01
N LEU B 84 14.03 23.94 -25.61
CA LEU B 84 14.94 22.97 -26.19
C LEU B 84 14.15 21.88 -26.88
N ARG B 85 14.32 21.78 -28.20
CA ARG B 85 13.68 20.72 -28.95
C ARG B 85 14.47 19.46 -28.69
N ALA B 86 13.79 18.44 -28.16
CA ALA B 86 14.40 17.15 -27.89
C ALA B 86 13.35 16.06 -27.79
N ASP B 87 13.66 14.91 -28.37
CA ASP B 87 12.89 13.70 -28.19
C ASP B 87 13.64 12.91 -27.13
N LEU B 88 13.02 12.84 -25.95
CA LEU B 88 13.67 12.22 -24.80
C LEU B 88 13.66 10.71 -24.90
N ALA B 89 12.77 10.17 -25.75
CA ALA B 89 12.78 8.75 -26.10
C ALA B 89 14.10 8.37 -26.80
N ASP B 90 14.81 9.36 -27.33
CA ASP B 90 16.08 9.17 -28.02
C ASP B 90 17.23 9.50 -27.08
N LEU B 91 17.74 8.47 -26.41
CA LEU B 91 18.81 8.63 -25.44
C LEU B 91 19.98 9.51 -25.91
N SER B 92 20.33 9.40 -27.18
CA SER B 92 21.51 10.10 -27.71
C SER B 92 21.35 11.62 -27.77
N SER B 93 20.13 12.08 -27.49
CA SER B 93 19.83 13.51 -27.44
C SER B 93 20.03 14.09 -26.03
N HIS B 94 20.14 13.21 -25.04
CA HIS B 94 20.15 13.62 -23.62
C HIS B 94 21.28 14.52 -23.26
N GLN B 95 22.51 14.06 -23.47
CA GLN B 95 23.69 14.84 -23.08
C GLN B 95 23.63 16.26 -23.59
N ALA B 96 23.27 16.40 -24.87
CA ALA B 96 23.27 17.72 -25.52
C ALA B 96 22.25 18.67 -24.88
N THR B 97 21.11 18.10 -24.46
CA THR B 97 20.05 18.87 -23.82
C THR B 97 20.52 19.43 -22.47
N VAL B 98 21.08 18.58 -21.62
CA VAL B 98 21.64 19.02 -20.36
C VAL B 98 22.73 20.07 -20.63
N ASP B 99 23.69 19.73 -21.49
CA ASP B 99 24.71 20.72 -21.84
C ASP B 99 24.10 22.08 -22.25
N ALA B 100 23.04 22.05 -23.06
CA ALA B 100 22.38 23.31 -23.45
C ALA B 100 21.85 24.10 -22.23
N VAL B 101 21.21 23.41 -21.29
CA VAL B 101 20.69 24.03 -20.07
C VAL B 101 21.79 24.59 -19.20
N VAL B 102 22.89 23.84 -19.06
CA VAL B 102 24.04 24.29 -18.28
C VAL B 102 24.69 25.49 -18.98
N ALA B 103 24.76 25.44 -20.31
CA ALA B 103 25.37 26.51 -21.11
C ALA B 103 24.62 27.84 -20.91
N GLU B 104 23.29 27.75 -20.96
CA GLU B 104 22.44 28.91 -20.77
C GLU B 104 22.53 29.44 -19.33
N PHE B 105 22.39 28.55 -18.35
CA PHE B 105 22.05 28.97 -16.99
C PHE B 105 23.14 28.81 -15.92
N GLY B 106 24.05 27.87 -16.11
CA GLY B 106 25.15 27.65 -15.16
C GLY B 106 24.85 26.66 -14.04
N ARG B 107 23.66 26.12 -13.99
CA ARG B 107 23.21 25.31 -12.86
C ARG B 107 21.95 24.58 -13.25
N ILE B 108 21.55 23.60 -12.45
CA ILE B 108 20.25 22.95 -12.58
C ILE B 108 19.82 22.59 -11.17
N ASP B 109 18.69 23.13 -10.73
CA ASP B 109 18.26 22.89 -9.37
C ASP B 109 17.09 21.94 -9.30
N CYS B 110 16.35 21.82 -10.40
CA CYS B 110 15.06 21.11 -10.39
C CYS B 110 14.75 20.43 -11.73
N LEU B 111 14.53 19.12 -11.71
CA LEU B 111 14.05 18.44 -12.91
C LEU B 111 12.63 17.95 -12.68
N VAL B 112 11.72 18.39 -13.55
CA VAL B 112 10.34 17.94 -13.52
C VAL B 112 10.10 16.99 -14.69
N ASN B 113 9.96 15.71 -14.38
CA ASN B 113 9.68 14.70 -15.39
C ASN B 113 8.18 14.63 -15.69
N ASN B 114 7.77 15.35 -16.73
CA ASN B 114 6.36 15.46 -17.05
C ASN B 114 6.00 14.87 -18.40
N ALA B 115 6.95 14.91 -19.34
CA ALA B 115 6.73 14.36 -20.68
C ALA B 115 6.28 12.88 -20.62
N GLY B 116 5.19 12.57 -21.30
CA GLY B 116 4.68 11.21 -21.40
C GLY B 116 3.55 11.13 -22.41
N ILE B 117 3.13 9.91 -22.74
CA ILE B 117 2.03 9.72 -23.67
C ILE B 117 0.83 9.05 -23.00
N ASP B 123 -6.76 -1.48 -26.77
CA ASP B 123 -7.23 -1.25 -25.40
C ASP B 123 -7.52 -2.52 -24.58
N ASP B 124 -7.70 -3.65 -25.27
CA ASP B 124 -7.86 -4.95 -24.62
C ASP B 124 -6.49 -5.67 -24.63
N PHE B 125 -6.13 -6.27 -23.50
CA PHE B 125 -4.84 -6.95 -23.33
C PHE B 125 -4.64 -8.11 -24.31
N LEU B 126 -5.71 -8.84 -24.59
CA LEU B 126 -5.66 -9.90 -25.60
C LEU B 126 -5.18 -9.38 -26.97
N ASP B 127 -5.29 -8.07 -27.19
CA ASP B 127 -4.91 -7.44 -28.44
C ASP B 127 -3.67 -6.56 -28.28
N LEU B 128 -3.08 -6.55 -27.09
CA LEU B 128 -1.84 -5.81 -26.88
C LEU B 128 -0.74 -6.33 -27.83
N LYS B 129 0.04 -5.42 -28.39
CA LYS B 129 1.06 -5.77 -29.36
C LYS B 129 2.43 -5.40 -28.82
N PRO B 130 3.43 -6.29 -28.99
CA PRO B 130 4.78 -6.07 -28.47
C PRO B 130 5.30 -4.67 -28.81
N GLU B 131 4.95 -4.17 -30.01
CA GLU B 131 5.34 -2.85 -30.47
C GLU B 131 4.82 -1.76 -29.54
N ASN B 132 3.55 -1.85 -29.15
CA ASN B 132 2.97 -0.94 -28.18
C ASN B 132 3.78 -0.96 -26.88
N PHE B 133 3.99 -2.16 -26.33
CA PHE B 133 4.77 -2.31 -25.11
C PHE B 133 6.12 -1.62 -25.24
N ASP B 134 6.84 -1.93 -26.32
CA ASP B 134 8.18 -1.37 -26.58
C ASP B 134 8.25 0.15 -26.54
N THR B 135 7.26 0.79 -27.14
CA THR B 135 7.16 2.23 -27.21
C THR B 135 6.88 2.89 -25.85
N ILE B 136 5.86 2.43 -25.15
CA ILE B 136 5.51 2.97 -23.84
C ILE B 136 6.56 2.62 -22.76
N VAL B 137 6.88 1.32 -22.64
CA VAL B 137 7.71 0.81 -21.54
C VAL B 137 9.20 0.73 -21.86
N GLY B 138 9.54 0.00 -22.93
CA GLY B 138 10.92 -0.24 -23.33
C GLY B 138 11.66 0.96 -23.93
N VAL B 139 10.93 2.05 -24.22
CA VAL B 139 11.55 3.26 -24.78
C VAL B 139 11.22 4.54 -23.99
N ASN B 140 9.94 4.86 -23.83
CA ASN B 140 9.54 6.11 -23.13
C ASN B 140 9.85 6.17 -21.63
N LEU B 141 9.52 5.11 -20.87
CA LEU B 141 9.91 5.00 -19.44
C LEU B 141 11.43 4.97 -19.35
N ARG B 142 12.04 4.22 -20.25
CA ARG B 142 13.49 4.22 -20.37
C ARG B 142 14.01 5.63 -20.58
N GLY B 143 13.29 6.41 -21.38
CA GLY B 143 13.69 7.78 -21.68
C GLY B 143 13.79 8.63 -20.42
N THR B 144 12.78 8.54 -19.57
CA THR B 144 12.75 9.33 -18.35
C THR B 144 13.90 8.95 -17.42
N VAL B 145 14.05 7.63 -17.22
CA VAL B 145 15.05 7.08 -16.32
C VAL B 145 16.42 7.58 -16.75
N PHE B 146 16.68 7.58 -18.05
CA PHE B 146 18.01 7.93 -18.51
C PHE B 146 18.24 9.43 -18.62
N PHE B 147 17.21 10.19 -19.01
CA PHE B 147 17.30 11.64 -18.94
C PHE B 147 17.62 12.10 -17.52
N THR B 148 16.91 11.55 -16.54
CA THR B 148 17.18 11.81 -15.13
C THR B 148 18.64 11.51 -14.76
N GLN B 149 19.16 10.37 -15.21
CA GLN B 149 20.56 10.00 -14.97
C GLN B 149 21.49 11.13 -15.44
N ALA B 150 21.29 11.56 -16.69
CA ALA B 150 22.09 12.62 -17.30
C ALA B 150 21.98 13.94 -16.53
N VAL B 151 20.75 14.34 -16.15
CA VAL B 151 20.56 15.58 -15.40
C VAL B 151 21.23 15.50 -14.04
N LEU B 152 21.18 14.32 -13.44
CA LEU B 152 21.68 14.12 -12.10
C LEU B 152 23.19 14.18 -12.12
N LYS B 153 23.78 13.65 -13.20
CA LYS B 153 25.21 13.76 -13.41
C LYS B 153 25.63 15.22 -13.44
N ALA B 154 24.79 16.07 -14.06
CA ALA B 154 25.09 17.50 -14.10
C ALA B 154 24.84 18.12 -12.74
N MSE B 155 23.79 17.65 -12.04
CA MSE B 155 23.50 18.19 -10.72
C MSE B 155 24.64 17.86 -9.78
O MSE B 155 25.09 18.71 -9.02
CB MSE B 155 22.18 17.64 -10.21
CG MSE B 155 21.01 18.38 -10.84
SE MSE B 155 19.32 17.54 -10.26
CE MSE B 155 19.25 18.35 -8.49
N LEU B 156 25.14 16.63 -9.86
CA LEU B 156 26.12 16.21 -8.88
C LEU B 156 27.49 16.80 -9.11
N ALA B 157 27.77 17.18 -10.35
CA ALA B 157 29.01 17.87 -10.70
C ALA B 157 29.00 19.31 -10.19
N SER B 158 27.83 19.93 -10.15
CA SER B 158 27.81 21.31 -9.70
C SER B 158 28.25 21.38 -8.28
N ASP B 159 27.74 20.50 -7.46
CA ASP B 159 28.22 20.41 -6.10
C ASP B 159 27.65 21.50 -5.25
N ALA B 160 26.83 22.37 -5.81
CA ALA B 160 26.41 23.49 -5.00
C ALA B 160 25.69 22.86 -3.83
N ARG B 161 24.84 21.89 -4.14
CA ARG B 161 24.17 21.03 -3.15
C ARG B 161 23.36 21.76 -2.09
N ALA B 162 22.68 22.80 -2.51
CA ALA B 162 21.68 23.42 -1.69
C ALA B 162 20.51 22.55 -2.03
N SER B 163 19.31 22.94 -1.66
CA SER B 163 18.17 22.12 -1.99
C SER B 163 18.01 21.99 -3.48
N ARG B 164 17.72 20.78 -3.91
CA ARG B 164 17.48 20.46 -5.28
C ARG B 164 16.33 19.51 -5.31
N SER B 165 15.72 19.32 -6.45
CA SER B 165 14.64 18.35 -6.52
C SER B 165 14.47 17.76 -7.88
N ILE B 166 13.96 16.53 -7.87
CA ILE B 166 13.59 15.81 -9.04
C ILE B 166 12.16 15.43 -8.74
N ILE B 167 11.24 15.85 -9.61
CA ILE B 167 9.81 15.64 -9.37
C ILE B 167 9.19 14.88 -10.53
N ASN B 168 8.72 13.69 -10.23
CA ASN B 168 8.23 12.76 -11.23
C ASN B 168 6.70 12.83 -11.31
N ILE B 169 6.20 13.28 -12.46
CA ILE B 169 4.75 13.42 -12.67
C ILE B 169 4.19 12.19 -13.37
N THR B 170 3.20 11.57 -12.74
CA THR B 170 2.62 10.32 -13.21
C THR B 170 1.13 10.50 -13.50
N SER B 171 0.30 9.89 -12.66
CA SER B 171 -1.16 9.77 -12.82
C SER B 171 -1.78 9.08 -11.60
N VAL B 172 -3.01 9.47 -11.27
CA VAL B 172 -3.76 8.89 -10.15
C VAL B 172 -4.33 7.51 -10.48
N GLU B 180 -5.69 2.57 -18.05
CA GLU B 180 -6.31 1.25 -18.02
C GLU B 180 -5.61 0.27 -18.97
N ARG B 181 -4.89 0.80 -19.96
CA ARG B 181 -4.09 -0.01 -20.87
C ARG B 181 -2.83 -0.52 -20.17
N LEU B 182 -2.73 -1.85 -20.03
CA LEU B 182 -1.74 -2.49 -19.17
C LEU B 182 -0.30 -1.97 -19.24
N ASP B 183 0.20 -1.71 -20.43
CA ASP B 183 1.57 -1.20 -20.53
C ASP B 183 1.77 0.16 -19.86
N TYR B 184 0.74 1.02 -19.87
CA TYR B 184 0.81 2.34 -19.19
C TYR B 184 0.89 2.17 -17.68
N CYS B 185 0.02 1.31 -17.14
CA CYS B 185 0.02 0.99 -15.70
C CYS B 185 1.38 0.45 -15.27
N MSE B 186 1.97 -0.38 -16.13
CA MSE B 186 3.29 -0.96 -15.91
C MSE B 186 4.35 0.11 -15.92
O MSE B 186 5.18 0.18 -15.01
CB MSE B 186 3.56 -2.00 -16.98
CG MSE B 186 2.84 -3.27 -16.55
SE MSE B 186 3.13 -4.72 -17.84
CE MSE B 186 4.89 -5.28 -17.19
N SER B 187 4.29 0.98 -16.93
CA SER B 187 5.19 2.12 -17.01
C SER B 187 5.12 2.98 -15.75
N LYS B 188 3.90 3.40 -15.39
CA LYS B 188 3.61 4.20 -14.20
C LYS B 188 4.13 3.55 -12.90
N ALA B 189 3.91 2.24 -12.75
CA ALA B 189 4.43 1.52 -11.59
C ALA B 189 5.97 1.49 -11.58
N GLY B 190 6.56 1.32 -12.77
CA GLY B 190 8.02 1.40 -12.90
C GLY B 190 8.55 2.73 -12.44
N LEU B 191 7.81 3.78 -12.79
CA LEU B 191 8.19 5.15 -12.50
C LEU B 191 8.06 5.44 -11.00
N ALA B 192 6.98 4.97 -10.38
CA ALA B 192 6.80 5.05 -8.93
C ALA B 192 7.98 4.40 -8.21
N ALA B 193 8.40 3.23 -8.69
CA ALA B 193 9.48 2.49 -8.06
C ALA B 193 10.82 3.20 -8.31
N PHE B 194 11.03 3.70 -9.53
CA PHE B 194 12.24 4.47 -9.84
C PHE B 194 12.34 5.67 -8.92
N SER B 195 11.19 6.30 -8.71
CA SER B 195 11.07 7.45 -7.86
C SER B 195 11.56 7.15 -6.43
N GLN B 196 11.03 6.07 -5.86
CA GLN B 196 11.43 5.59 -4.56
C GLN B 196 12.91 5.22 -4.43
N GLY B 197 13.48 4.61 -5.46
CA GLY B 197 14.89 4.19 -5.40
C GLY B 197 15.79 5.39 -5.45
N LEU B 198 15.45 6.36 -6.29
CA LEU B 198 16.24 7.55 -6.45
C LEU B 198 16.24 8.31 -5.12
N ALA B 199 15.05 8.45 -4.56
CA ALA B 199 14.85 9.07 -3.26
C ALA B 199 15.82 8.50 -2.24
N LEU B 200 15.84 7.17 -2.12
CA LEU B 200 16.75 6.50 -1.19
C LEU B 200 18.21 6.71 -1.57
N ARG B 201 18.54 6.59 -2.85
CA ARG B 201 19.93 6.71 -3.30
C ARG B 201 20.47 8.13 -3.18
N LEU B 202 19.59 9.11 -3.30
CA LEU B 202 19.99 10.52 -3.24
C LEU B 202 19.76 11.13 -1.87
N ALA B 203 19.30 10.30 -0.91
CA ALA B 203 19.00 10.76 0.45
C ALA B 203 20.08 11.63 1.09
N GLU B 204 21.35 11.21 0.99
CA GLU B 204 22.43 11.92 1.67
C GLU B 204 22.94 13.16 0.94
N THR B 205 22.26 13.57 -0.14
CA THR B 205 22.83 14.57 -1.10
C THR B 205 22.27 15.98 -1.07
N GLY B 206 21.04 16.14 -0.65
CA GLY B 206 20.38 17.44 -0.77
C GLY B 206 19.41 17.50 -1.92
N ILE B 207 19.51 16.56 -2.86
CA ILE B 207 18.51 16.39 -3.91
C ILE B 207 17.38 15.50 -3.42
N ALA B 208 16.18 16.06 -3.29
CA ALA B 208 14.99 15.29 -2.89
C ALA B 208 14.27 14.73 -4.13
N VAL B 209 13.50 13.65 -3.95
CA VAL B 209 12.76 13.06 -5.09
C VAL B 209 11.31 12.79 -4.70
N PHE B 210 10.39 13.37 -5.48
CA PHE B 210 8.96 13.23 -5.21
C PHE B 210 8.26 12.66 -6.42
N GLU B 211 7.15 11.98 -6.18
CA GLU B 211 6.22 11.58 -7.21
C GLU B 211 4.94 12.39 -7.03
N VAL B 212 4.36 12.89 -8.12
CA VAL B 212 3.09 13.63 -8.07
C VAL B 212 2.10 12.93 -8.99
N ARG B 213 0.88 12.71 -8.51
CA ARG B 213 -0.09 11.92 -9.26
C ARG B 213 -1.38 12.67 -9.58
N PRO B 214 -1.40 13.39 -10.71
CA PRO B 214 -2.57 14.16 -11.16
C PRO B 214 -3.74 13.31 -11.59
N GLY B 215 -4.96 13.80 -11.37
CA GLY B 215 -6.17 13.21 -11.95
C GLY B 215 -7.14 14.30 -12.37
N ILE B 216 -7.11 14.66 -13.64
CA ILE B 216 -7.91 15.79 -14.17
C ILE B 216 -8.91 15.31 -15.21
N TRP B 243 -12.53 17.71 -11.57
CA TRP B 243 -12.37 18.98 -12.28
C TRP B 243 -11.10 19.68 -11.85
N GLY B 244 -9.96 19.26 -12.37
CA GLY B 244 -8.68 19.91 -12.03
C GLY B 244 -8.13 20.88 -13.07
N GLU B 245 -7.21 21.73 -12.63
CA GLU B 245 -6.57 22.72 -13.51
C GLU B 245 -5.07 22.50 -13.52
N PRO B 246 -4.40 22.82 -14.65
CA PRO B 246 -2.93 22.76 -14.61
C PRO B 246 -2.28 23.64 -13.54
N GLU B 247 -2.99 24.66 -13.07
CA GLU B 247 -2.51 25.48 -11.95
C GLU B 247 -2.42 24.66 -10.68
N ASP B 248 -3.41 23.78 -10.47
CA ASP B 248 -3.48 22.96 -9.27
C ASP B 248 -2.26 22.08 -9.10
N ILE B 249 -1.77 21.56 -10.22
CA ILE B 249 -0.61 20.68 -10.22
C ILE B 249 0.63 21.55 -10.07
N GLY B 250 0.64 22.68 -10.79
CA GLY B 250 1.75 23.62 -10.73
C GLY B 250 2.05 24.08 -9.32
N ASN B 251 1.01 24.44 -8.57
CA ASN B 251 1.20 24.83 -7.18
C ASN B 251 1.87 23.76 -6.35
N ILE B 252 1.40 22.52 -6.47
CA ILE B 252 1.99 21.39 -5.73
C ILE B 252 3.48 21.30 -6.04
N VAL B 253 3.82 21.36 -7.30
CA VAL B 253 5.19 21.25 -7.75
C VAL B 253 6.07 22.41 -7.26
N ALA B 254 5.56 23.63 -7.34
CA ALA B 254 6.27 24.81 -6.82
C ALA B 254 6.47 24.69 -5.30
N GLY B 255 5.48 24.10 -4.62
CA GLY B 255 5.61 23.85 -3.19
C GLY B 255 6.75 22.87 -2.92
N LEU B 256 6.79 21.79 -3.70
CA LEU B 256 7.83 20.79 -3.52
C LEU B 256 9.19 21.27 -3.99
N ALA B 257 9.23 22.03 -5.08
CA ALA B 257 10.51 22.50 -5.58
C ALA B 257 11.01 23.64 -4.74
N GLY B 258 10.18 24.14 -3.84
CA GLY B 258 10.50 25.37 -3.09
C GLY B 258 11.41 25.27 -1.89
N GLY B 259 11.70 24.06 -1.41
CA GLY B 259 12.58 23.87 -0.25
C GLY B 259 11.96 23.29 1.01
N GLN B 260 10.72 23.69 1.31
CA GLN B 260 10.05 23.33 2.55
C GLN B 260 9.87 21.82 2.77
N PHE B 261 10.20 21.03 1.74
CA PHE B 261 9.95 19.59 1.81
C PHE B 261 11.21 18.72 1.71
N GLY B 262 12.37 19.35 1.87
CA GLY B 262 13.67 18.67 1.84
C GLY B 262 13.75 17.41 2.68
N PHE B 263 13.09 17.42 3.82
CA PHE B 263 13.10 16.27 4.72
C PHE B 263 11.98 15.25 4.45
N ALA B 264 11.25 15.44 3.36
CA ALA B 264 10.09 14.61 3.04
C ALA B 264 10.34 13.82 1.77
N THR B 265 11.62 13.70 1.43
CA THR B 265 12.02 13.03 0.21
C THR B 265 11.43 11.64 0.21
N GLY B 266 11.08 11.17 -0.99
CA GLY B 266 10.42 9.88 -1.18
C GLY B 266 8.90 9.97 -1.17
N SER B 267 8.37 11.09 -0.69
CA SER B 267 6.92 11.24 -0.54
C SER B 267 6.17 11.18 -1.87
N VAL B 268 4.99 10.58 -1.83
CA VAL B 268 4.12 10.55 -2.98
C VAL B 268 3.04 11.55 -2.66
N ILE B 269 2.72 12.42 -3.62
CA ILE B 269 1.63 13.38 -3.49
C ILE B 269 0.44 13.03 -4.38
N GLN B 270 -0.74 12.96 -3.81
CA GLN B 270 -1.93 12.76 -4.60
C GLN B 270 -2.38 14.08 -5.14
N ALA B 271 -2.76 14.15 -6.40
CA ALA B 271 -3.17 15.41 -6.98
C ALA B 271 -4.47 15.35 -7.71
N ASP B 272 -5.44 14.66 -7.18
CA ASP B 272 -6.72 14.57 -7.84
C ASP B 272 -7.85 15.22 -7.09
N GLY B 273 -7.56 16.15 -6.21
CA GLY B 273 -8.58 16.76 -5.36
C GLY B 273 -9.40 15.77 -4.56
N GLY B 274 -8.85 14.58 -4.30
CA GLY B 274 -9.55 13.60 -3.49
C GLY B 274 -10.71 12.90 -4.20
N LEU B 275 -10.49 12.61 -5.49
CA LEU B 275 -11.33 11.68 -6.23
C LEU B 275 -10.59 10.35 -6.34
N SER B 276 -9.58 10.18 -5.47
CA SER B 276 -8.70 9.00 -5.44
C SER B 276 -9.40 7.81 -4.80
N ILE B 277 -10.43 8.09 -4.02
CA ILE B 277 -11.37 7.09 -3.51
C ILE B 277 -12.80 7.65 -3.57
N GLY B 278 -13.03 8.62 -4.46
CA GLY B 278 -14.28 9.39 -4.51
C GLY B 278 -15.33 9.02 -5.55
N ARG B 279 -14.97 9.11 -6.83
CA ARG B 279 -15.91 8.86 -7.93
C ARG B 279 -16.22 7.36 -8.11
N MSE C 23 -18.62 -41.05 -2.63
CA MSE C 23 -18.28 -40.09 -1.54
C MSE C 23 -17.16 -39.16 -1.96
O MSE C 23 -17.39 -37.97 -2.17
CB MSE C 23 -17.89 -40.81 -0.24
CG MSE C 23 -18.54 -40.14 0.97
N MSE C 24 -15.95 -39.71 -2.10
CA MSE C 24 -14.81 -38.94 -2.59
C MSE C 24 -14.65 -39.17 -4.09
O MSE C 24 -14.61 -40.32 -4.53
CB MSE C 24 -13.59 -39.41 -1.81
CG MSE C 24 -12.98 -38.30 -0.96
SE MSE C 24 -11.02 -38.50 -1.04
CE MSE C 24 -10.53 -36.74 -1.79
N THR C 25 -14.56 -38.08 -4.87
CA THR C 25 -14.66 -38.11 -6.33
C THR C 25 -13.33 -37.71 -7.01
N GLN C 26 -12.70 -38.63 -7.75
CA GLN C 26 -11.44 -38.33 -8.46
C GLN C 26 -11.62 -38.12 -9.96
N LYS C 27 -11.01 -37.07 -10.49
CA LYS C 27 -11.15 -36.69 -11.88
C LYS C 27 -9.80 -36.67 -12.60
N ALA C 28 -9.84 -36.44 -13.90
CA ALA C 28 -8.65 -36.18 -14.70
C ALA C 28 -7.85 -35.01 -14.08
N ARG C 29 -6.54 -35.00 -14.31
CA ARG C 29 -5.65 -34.00 -13.70
C ARG C 29 -5.57 -32.71 -14.49
N PRO C 30 -5.70 -31.56 -13.82
CA PRO C 30 -5.36 -30.28 -14.47
C PRO C 30 -3.87 -30.18 -14.83
N VAL C 31 -3.54 -29.18 -15.65
CA VAL C 31 -2.21 -29.02 -16.20
C VAL C 31 -1.61 -27.69 -15.81
N ALA C 32 -0.36 -27.73 -15.36
CA ALA C 32 0.36 -26.50 -14.99
C ALA C 32 1.62 -26.33 -15.83
N ILE C 33 1.82 -25.13 -16.34
CA ILE C 33 3.08 -24.73 -16.94
C ILE C 33 3.88 -24.03 -15.86
N VAL C 34 5.10 -24.49 -15.61
CA VAL C 34 5.98 -23.87 -14.62
C VAL C 34 7.20 -23.40 -15.40
N THR C 35 7.29 -22.10 -15.66
CA THR C 35 8.44 -21.62 -16.43
C THR C 35 9.65 -21.68 -15.52
N GLY C 36 10.78 -22.11 -16.06
CA GLY C 36 12.00 -22.24 -15.29
C GLY C 36 11.87 -23.29 -14.20
N GLY C 37 11.03 -24.29 -14.42
CA GLY C 37 10.70 -25.25 -13.35
C GLY C 37 11.69 -26.38 -13.10
N ARG C 38 12.92 -26.24 -13.65
CA ARG C 38 13.90 -27.32 -13.65
C ARG C 38 14.74 -27.40 -12.38
N ARG C 39 14.91 -26.26 -11.71
CA ARG C 39 15.71 -26.19 -10.51
C ARG C 39 15.16 -25.14 -9.54
N GLY C 40 15.76 -25.04 -8.36
CA GLY C 40 15.44 -23.99 -7.39
C GLY C 40 13.97 -23.87 -7.05
N ILE C 41 13.51 -22.62 -7.00
CA ILE C 41 12.14 -22.32 -6.64
C ILE C 41 11.13 -22.97 -7.59
N GLY C 42 11.45 -23.00 -8.88
CA GLY C 42 10.60 -23.56 -9.92
C GLY C 42 10.39 -25.03 -9.73
N LEU C 43 11.47 -25.75 -9.44
CA LEU C 43 11.36 -27.19 -9.16
C LEU C 43 10.56 -27.48 -7.88
N GLY C 44 10.78 -26.66 -6.85
CA GLY C 44 10.02 -26.77 -5.62
C GLY C 44 8.54 -26.52 -5.90
N ILE C 45 8.27 -25.60 -6.81
CA ILE C 45 6.90 -25.36 -7.26
C ILE C 45 6.31 -26.54 -8.04
N ALA C 46 7.10 -27.11 -8.93
CA ALA C 46 6.61 -28.18 -9.79
C ALA C 46 6.34 -29.42 -8.93
N ARG C 47 7.24 -29.69 -7.99
CA ARG C 47 7.09 -30.81 -7.06
C ARG C 47 5.75 -30.70 -6.31
N ALA C 48 5.51 -29.53 -5.70
CA ALA C 48 4.26 -29.31 -4.97
C ALA C 48 3.01 -29.36 -5.87
N LEU C 49 3.12 -28.86 -7.10
CA LEU C 49 1.99 -28.96 -8.02
C LEU C 49 1.71 -30.40 -8.39
N ALA C 50 2.78 -31.15 -8.62
CA ALA C 50 2.66 -32.55 -8.96
C ALA C 50 1.99 -33.31 -7.83
N ALA C 51 2.51 -33.15 -6.62
CA ALA C 51 1.99 -33.82 -5.46
C ALA C 51 0.55 -33.43 -5.20
N SER C 52 0.17 -32.21 -5.59
CA SER C 52 -1.19 -31.76 -5.32
C SER C 52 -2.16 -32.01 -6.48
N GLY C 53 -1.75 -32.78 -7.48
CA GLY C 53 -2.71 -33.32 -8.44
C GLY C 53 -2.60 -32.85 -9.87
N PHE C 54 -1.56 -32.07 -10.18
CA PHE C 54 -1.36 -31.52 -11.52
C PHE C 54 -0.36 -32.30 -12.34
N ASP C 55 -0.60 -32.35 -13.65
CA ASP C 55 0.45 -32.66 -14.63
C ASP C 55 1.21 -31.37 -14.94
N ILE C 56 2.41 -31.50 -15.48
CA ILE C 56 3.35 -30.39 -15.47
C ILE C 56 4.09 -30.25 -16.79
N ALA C 57 4.15 -29.02 -17.30
CA ALA C 57 5.06 -28.72 -18.37
C ALA C 57 6.09 -27.74 -17.85
N ILE C 58 7.35 -28.17 -17.82
CA ILE C 58 8.44 -27.32 -17.39
C ILE C 58 9.11 -26.73 -18.61
N THR C 59 9.27 -25.41 -18.64
CA THR C 59 10.07 -24.78 -19.67
C THR C 59 11.43 -24.38 -19.10
N GLY C 60 12.40 -24.20 -20.00
CA GLY C 60 13.74 -23.79 -19.62
C GLY C 60 14.50 -23.38 -20.85
N ILE C 61 15.35 -22.38 -20.68
CA ILE C 61 16.21 -21.90 -21.76
C ILE C 61 17.23 -22.97 -22.12
N GLY C 62 17.61 -23.75 -21.13
CA GLY C 62 18.70 -24.72 -21.27
C GLY C 62 18.37 -25.96 -22.05
N ASP C 63 19.42 -26.72 -22.36
CA ASP C 63 19.32 -27.99 -23.06
C ASP C 63 18.49 -29.01 -22.25
N ALA C 64 17.71 -29.85 -22.93
CA ALA C 64 16.88 -30.85 -22.24
C ALA C 64 17.68 -31.92 -21.48
N GLU C 65 18.98 -31.69 -21.35
CA GLU C 65 19.89 -32.65 -20.75
C GLU C 65 19.99 -32.55 -19.23
N GLY C 66 19.71 -33.67 -18.56
CA GLY C 66 19.79 -33.75 -17.12
C GLY C 66 18.46 -33.58 -16.40
N VAL C 67 17.40 -33.46 -17.17
CA VAL C 67 16.06 -33.26 -16.63
C VAL C 67 15.37 -34.60 -16.31
N ALA C 68 15.87 -35.67 -16.89
CA ALA C 68 15.28 -37.01 -16.70
C ALA C 68 14.97 -37.40 -15.23
N PRO C 69 15.93 -37.19 -14.30
CA PRO C 69 15.69 -37.45 -12.86
C PRO C 69 14.44 -36.75 -12.33
N VAL C 70 14.37 -35.45 -12.58
CA VAL C 70 13.21 -34.65 -12.21
C VAL C 70 11.90 -35.23 -12.78
N ILE C 71 11.91 -35.51 -14.08
CA ILE C 71 10.75 -36.10 -14.74
C ILE C 71 10.35 -37.38 -14.05
N ALA C 72 11.34 -38.23 -13.76
CA ALA C 72 11.09 -39.50 -13.07
C ALA C 72 10.60 -39.29 -11.63
N GLU C 73 11.16 -38.28 -10.96
CA GLU C 73 10.70 -37.92 -9.61
C GLU C 73 9.24 -37.50 -9.58
N LEU C 74 8.89 -36.50 -10.38
CA LEU C 74 7.53 -35.99 -10.45
C LEU C 74 6.56 -37.07 -10.91
N SER C 75 7.06 -38.03 -11.67
CA SER C 75 6.25 -39.17 -12.04
C SER C 75 5.95 -40.04 -10.83
N GLY C 76 6.89 -40.08 -9.90
CA GLY C 76 6.73 -40.81 -8.65
C GLY C 76 5.68 -40.12 -7.79
N LEU C 77 5.48 -38.83 -8.05
CA LEU C 77 4.43 -38.05 -7.40
C LEU C 77 3.11 -38.07 -8.18
N GLY C 78 2.99 -38.98 -9.16
CA GLY C 78 1.74 -39.20 -9.89
C GLY C 78 1.55 -38.39 -11.17
N ALA C 79 2.50 -37.48 -11.46
CA ALA C 79 2.36 -36.51 -12.55
C ALA C 79 2.99 -36.97 -13.84
N ARG C 80 2.32 -36.71 -14.96
CA ARG C 80 2.95 -36.75 -16.27
C ARG C 80 3.63 -35.41 -16.39
N VAL C 81 4.85 -35.43 -16.91
CA VAL C 81 5.69 -34.24 -16.96
C VAL C 81 6.44 -34.17 -18.29
N ILE C 82 6.37 -33.02 -18.94
CA ILE C 82 7.21 -32.77 -20.11
C ILE C 82 8.12 -31.58 -19.87
N PHE C 83 9.26 -31.60 -20.55
CA PHE C 83 10.13 -30.47 -20.59
C PHE C 83 10.14 -29.87 -21.97
N LEU C 84 10.05 -28.55 -22.04
CA LEU C 84 10.15 -27.83 -23.30
C LEU C 84 11.27 -26.78 -23.25
N ARG C 85 12.23 -26.92 -24.15
CA ARG C 85 13.25 -25.91 -24.31
C ARG C 85 12.57 -24.66 -24.87
N ALA C 86 12.71 -23.54 -24.17
CA ALA C 86 12.23 -22.25 -24.69
C ALA C 86 12.90 -21.08 -24.00
N ASP C 87 13.36 -20.12 -24.80
CA ASP C 87 13.81 -18.85 -24.27
C ASP C 87 12.60 -17.93 -24.30
N LEU C 88 12.06 -17.62 -23.13
CA LEU C 88 10.80 -16.89 -23.12
C LEU C 88 10.98 -15.43 -23.48
N ALA C 89 12.20 -14.94 -23.34
CA ALA C 89 12.55 -13.59 -23.77
C ALA C 89 12.35 -13.43 -25.28
N ASP C 90 12.50 -14.52 -26.03
CA ASP C 90 12.25 -14.56 -27.48
C ASP C 90 10.77 -14.81 -27.78
N LEU C 91 10.07 -13.76 -28.21
CA LEU C 91 8.63 -13.80 -28.39
C LEU C 91 8.16 -14.78 -29.45
N SER C 92 9.02 -15.07 -30.41
CA SER C 92 8.67 -15.95 -31.52
C SER C 92 8.56 -17.41 -31.06
N SER C 93 9.14 -17.72 -29.91
CA SER C 93 9.12 -19.09 -29.37
C SER C 93 7.83 -19.43 -28.57
N HIS C 94 7.00 -18.42 -28.32
CA HIS C 94 5.82 -18.54 -27.45
C HIS C 94 4.79 -19.53 -27.95
N GLN C 95 4.28 -19.28 -29.16
CA GLN C 95 3.19 -20.06 -29.74
C GLN C 95 3.51 -21.55 -29.77
N ALA C 96 4.72 -21.89 -30.21
CA ALA C 96 5.15 -23.29 -30.30
C ALA C 96 5.10 -23.95 -28.94
N THR C 97 5.61 -23.25 -27.95
CA THR C 97 5.64 -23.76 -26.59
C THR C 97 4.23 -24.03 -26.08
N VAL C 98 3.33 -23.08 -26.32
CA VAL C 98 1.95 -23.22 -25.84
C VAL C 98 1.27 -24.37 -26.57
N ASP C 99 1.45 -24.44 -27.88
CA ASP C 99 0.92 -25.52 -28.70
C ASP C 99 1.42 -26.89 -28.25
N ALA C 100 2.71 -26.99 -27.97
CA ALA C 100 3.30 -28.24 -27.47
C ALA C 100 2.64 -28.73 -26.16
N VAL C 101 2.31 -27.80 -25.25
CA VAL C 101 1.64 -28.16 -24.01
C VAL C 101 0.21 -28.64 -24.32
N VAL C 102 -0.52 -27.85 -25.09
CA VAL C 102 -1.86 -28.22 -25.48
C VAL C 102 -1.82 -29.55 -26.24
N ALA C 103 -0.84 -29.73 -27.12
CA ALA C 103 -0.74 -31.01 -27.87
C ALA C 103 -0.55 -32.19 -26.93
N GLU C 104 0.20 -31.99 -25.86
CA GLU C 104 0.46 -33.07 -24.94
C GLU C 104 -0.75 -33.36 -24.03
N PHE C 105 -1.45 -32.32 -23.60
CA PHE C 105 -2.43 -32.48 -22.51
C PHE C 105 -3.87 -32.12 -22.87
N GLY C 106 -4.07 -31.40 -23.97
CA GLY C 106 -5.38 -30.94 -24.37
C GLY C 106 -6.00 -29.86 -23.50
N ARG C 107 -5.22 -29.28 -22.58
CA ARG C 107 -5.65 -28.20 -21.66
C ARG C 107 -4.45 -27.48 -21.01
N ILE C 108 -4.68 -26.29 -20.47
CA ILE C 108 -3.75 -25.62 -19.57
C ILE C 108 -4.60 -25.00 -18.48
N ASP C 109 -4.30 -25.28 -17.21
CA ASP C 109 -5.14 -24.79 -16.12
C ASP C 109 -4.43 -23.74 -15.27
N CYS C 110 -3.11 -23.80 -15.26
CA CYS C 110 -2.32 -22.98 -14.37
C CYS C 110 -1.06 -22.61 -15.07
N LEU C 111 -0.75 -21.31 -15.07
CA LEU C 111 0.55 -20.84 -15.49
C LEU C 111 1.29 -20.28 -14.29
N VAL C 112 2.50 -20.79 -14.09
CA VAL C 112 3.39 -20.25 -13.08
C VAL C 112 4.55 -19.53 -13.71
N ASN C 113 4.51 -18.20 -13.67
CA ASN C 113 5.57 -17.38 -14.29
C ASN C 113 6.67 -17.20 -13.28
N ASN C 114 7.76 -17.93 -13.49
CA ASN C 114 8.88 -17.98 -12.55
C ASN C 114 10.16 -17.70 -13.35
N ALA C 115 10.77 -16.53 -13.19
CA ALA C 115 11.88 -16.13 -14.09
C ALA C 115 12.94 -15.20 -13.49
N GLY C 116 13.98 -14.93 -14.28
CA GLY C 116 15.07 -14.02 -13.90
C GLY C 116 15.85 -13.54 -15.11
N ARG C 122 25.54 -5.85 -11.13
CA ARG C 122 24.82 -5.02 -10.16
C ARG C 122 25.51 -3.67 -9.95
N ASP C 123 24.71 -2.62 -9.79
CA ASP C 123 25.23 -1.25 -9.89
C ASP C 123 24.59 -0.22 -8.95
N ASP C 124 25.32 0.89 -8.82
CA ASP C 124 24.81 2.17 -8.35
C ASP C 124 24.29 2.95 -9.58
N PHE C 125 23.18 3.66 -9.40
CA PHE C 125 22.41 4.25 -10.52
C PHE C 125 23.18 5.12 -11.53
N LEU C 126 24.17 5.88 -11.09
CA LEU C 126 24.93 6.70 -12.04
C LEU C 126 25.65 5.89 -13.11
N ASP C 127 25.77 4.58 -12.88
CA ASP C 127 26.55 3.75 -13.77
C ASP C 127 25.69 2.75 -14.54
N LEU C 128 24.37 2.85 -14.36
CA LEU C 128 23.41 2.00 -15.07
C LEU C 128 23.46 2.24 -16.59
N LYS C 129 23.30 1.16 -17.34
CA LYS C 129 23.45 1.24 -18.78
C LYS C 129 22.17 0.82 -19.51
N PRO C 130 21.85 1.53 -20.61
CA PRO C 130 20.69 1.23 -21.45
C PRO C 130 20.56 -0.27 -21.80
N GLU C 131 21.67 -0.90 -22.22
CA GLU C 131 21.70 -2.34 -22.53
C GLU C 131 21.09 -3.18 -21.41
N ASN C 132 21.46 -2.84 -20.16
CA ASN C 132 20.99 -3.58 -18.97
C ASN C 132 19.51 -3.40 -18.77
N PHE C 133 19.09 -2.13 -18.75
CA PHE C 133 17.69 -1.82 -18.57
C PHE C 133 16.91 -2.61 -19.61
N ASP C 134 17.41 -2.63 -20.83
CA ASP C 134 16.72 -3.32 -21.87
C ASP C 134 16.65 -4.78 -21.60
N THR C 135 17.72 -5.34 -21.10
CA THR C 135 17.75 -6.76 -20.93
C THR C 135 16.72 -7.17 -19.92
N ILE C 136 16.63 -6.44 -18.84
CA ILE C 136 15.75 -6.84 -17.80
C ILE C 136 14.37 -6.33 -18.06
N VAL C 137 14.24 -5.01 -18.09
CA VAL C 137 12.96 -4.43 -18.39
C VAL C 137 12.53 -4.65 -19.80
N GLY C 138 13.47 -4.44 -20.70
CA GLY C 138 13.18 -4.43 -22.11
C GLY C 138 12.72 -5.75 -22.64
N VAL C 139 13.35 -6.81 -22.15
CA VAL C 139 13.11 -8.11 -22.71
C VAL C 139 12.46 -9.09 -21.76
N ASN C 140 13.08 -9.29 -20.62
CA ASN C 140 12.66 -10.34 -19.74
C ASN C 140 11.26 -10.16 -19.22
N LEU C 141 10.92 -8.93 -18.89
CA LEU C 141 9.56 -8.54 -18.47
C LEU C 141 8.57 -8.50 -19.65
N ARG C 142 9.07 -8.08 -20.82
CA ARG C 142 8.28 -8.20 -22.04
C ARG C 142 7.95 -9.67 -22.29
N GLY C 143 8.92 -10.54 -22.00
CA GLY C 143 8.75 -11.98 -22.16
C GLY C 143 7.59 -12.55 -21.35
N THR C 144 7.57 -12.23 -20.05
CA THR C 144 6.56 -12.73 -19.14
C THR C 144 5.17 -12.27 -19.56
N VAL C 145 5.09 -10.98 -19.88
CA VAL C 145 3.85 -10.37 -20.32
C VAL C 145 3.26 -11.09 -21.53
N PHE C 146 4.07 -11.30 -22.56
CA PHE C 146 3.54 -11.84 -23.81
C PHE C 146 3.37 -13.35 -23.80
N PHE C 147 4.26 -14.04 -23.09
CA PHE C 147 4.03 -15.46 -22.85
C PHE C 147 2.69 -15.70 -22.14
N THR C 148 2.39 -14.88 -21.15
CA THR C 148 1.12 -14.97 -20.46
C THR C 148 0.01 -14.71 -21.43
N GLN C 149 0.20 -13.73 -22.29
CA GLN C 149 -0.81 -13.45 -23.29
C GLN C 149 -1.06 -14.70 -24.18
N ALA C 150 0.02 -15.39 -24.55
CA ALA C 150 -0.16 -16.55 -25.41
C ALA C 150 -0.85 -17.71 -24.65
N VAL C 151 -0.48 -17.91 -23.39
CA VAL C 151 -1.16 -18.95 -22.60
C VAL C 151 -2.65 -18.64 -22.42
N LEU C 152 -2.94 -17.37 -22.17
CA LEU C 152 -4.28 -16.90 -21.92
C LEU C 152 -5.21 -17.13 -23.11
N LYS C 153 -4.68 -16.94 -24.32
CA LYS C 153 -5.47 -17.22 -25.52
C LYS C 153 -5.82 -18.68 -25.55
N ALA C 154 -4.85 -19.53 -25.20
CA ALA C 154 -5.05 -20.96 -25.24
C ALA C 154 -6.07 -21.33 -24.17
N MSE C 155 -5.97 -20.70 -23.01
CA MSE C 155 -6.92 -20.93 -21.91
C MSE C 155 -8.31 -20.50 -22.27
O MSE C 155 -9.27 -21.18 -21.91
CB MSE C 155 -6.50 -20.17 -20.67
CG MSE C 155 -5.25 -20.76 -20.01
SE MSE C 155 -4.95 -19.71 -18.38
CE MSE C 155 -3.87 -20.97 -17.32
N LEU C 156 -8.43 -19.38 -22.98
CA LEU C 156 -9.74 -18.79 -23.30
C LEU C 156 -10.43 -19.47 -24.48
N ALA C 157 -9.67 -20.23 -25.25
CA ALA C 157 -10.18 -20.86 -26.46
C ALA C 157 -11.00 -22.12 -26.18
N SER C 158 -10.97 -22.60 -24.94
CA SER C 158 -11.67 -23.83 -24.60
C SER C 158 -12.42 -23.76 -23.27
N ASP C 159 -12.49 -22.56 -22.68
CA ASP C 159 -12.90 -22.41 -21.29
C ASP C 159 -14.36 -22.80 -20.99
N ALA C 160 -14.52 -23.73 -20.05
CA ALA C 160 -15.81 -23.98 -19.43
C ALA C 160 -16.05 -22.88 -18.39
N ARG C 161 -15.32 -21.76 -18.56
CA ARG C 161 -15.11 -20.74 -17.53
C ARG C 161 -14.52 -21.39 -16.27
N ALA C 162 -13.81 -22.50 -16.46
CA ALA C 162 -13.39 -23.40 -15.39
C ALA C 162 -12.44 -22.74 -14.39
N SER C 163 -12.17 -23.42 -13.28
CA SER C 163 -11.27 -22.90 -12.26
C SER C 163 -9.82 -22.97 -12.73
N ARG C 164 -9.26 -21.81 -13.05
CA ARG C 164 -7.90 -21.69 -13.53
C ARG C 164 -7.14 -20.60 -12.79
N SER C 165 -5.81 -20.57 -12.97
CA SER C 165 -5.01 -19.56 -12.34
C SER C 165 -3.71 -19.22 -13.08
N ILE C 166 -3.24 -18.00 -12.85
CA ILE C 166 -1.98 -17.50 -13.32
C ILE C 166 -1.27 -16.90 -12.10
N ILE C 167 -0.08 -17.42 -11.83
CA ILE C 167 0.63 -17.09 -10.60
C ILE C 167 1.97 -16.48 -10.97
N ASN C 168 2.15 -15.21 -10.67
CA ASN C 168 3.41 -14.54 -11.00
C ASN C 168 4.31 -14.48 -9.80
N ILE C 169 5.49 -15.06 -9.95
CA ILE C 169 6.48 -15.09 -8.88
C ILE C 169 7.46 -13.93 -9.06
N THR C 170 7.51 -13.01 -8.11
CA THR C 170 8.46 -11.90 -8.19
C THR C 170 9.59 -12.08 -7.19
N SER C 171 9.62 -11.15 -6.21
CA SER C 171 10.57 -11.09 -5.09
C SER C 171 10.04 -10.09 -4.05
N VAL C 172 10.62 -10.08 -2.84
CA VAL C 172 10.27 -9.08 -1.80
C VAL C 172 11.49 -8.61 -1.00
N GLU C 180 18.17 -4.68 -5.40
CA GLU C 180 18.31 -3.29 -5.00
C GLU C 180 18.58 -2.36 -6.19
N ARG C 181 19.31 -2.84 -7.21
CA ARG C 181 19.55 -2.05 -8.42
C ARG C 181 18.25 -1.68 -9.14
N LEU C 182 18.17 -0.42 -9.58
CA LEU C 182 16.91 0.19 -10.00
C LEU C 182 16.13 -0.48 -11.13
N ASP C 183 16.81 -1.10 -12.09
CA ASP C 183 16.12 -1.76 -13.19
C ASP C 183 15.33 -3.01 -12.78
N TYR C 184 15.87 -3.80 -11.84
CA TYR C 184 15.14 -4.95 -11.28
C TYR C 184 13.96 -4.47 -10.45
N CYS C 185 14.13 -3.35 -9.76
CA CYS C 185 13.05 -2.81 -8.90
C CYS C 185 11.89 -2.38 -9.75
N MSE C 186 12.21 -1.63 -10.80
CA MSE C 186 11.22 -1.23 -11.79
C MSE C 186 10.51 -2.42 -12.41
O MSE C 186 9.27 -2.43 -12.48
CB MSE C 186 11.96 -0.40 -12.83
CG MSE C 186 12.33 0.93 -12.18
SE MSE C 186 13.31 2.04 -13.45
CE MSE C 186 11.63 2.68 -14.25
N SER C 187 11.26 -3.44 -12.84
CA SER C 187 10.65 -4.60 -13.46
C SER C 187 9.74 -5.35 -12.48
N LYS C 188 10.20 -5.50 -11.24
CA LYS C 188 9.33 -5.99 -10.15
C LYS C 188 8.02 -5.22 -10.11
N ALA C 189 8.13 -3.90 -10.07
CA ALA C 189 6.96 -3.03 -9.96
C ALA C 189 6.02 -3.24 -11.14
N GLY C 190 6.59 -3.28 -12.34
CA GLY C 190 5.85 -3.59 -13.55
C GLY C 190 5.06 -4.88 -13.45
N LEU C 191 5.74 -5.94 -13.01
CA LEU C 191 5.08 -7.23 -12.80
C LEU C 191 3.94 -7.20 -11.78
N ALA C 192 4.13 -6.47 -10.68
CA ALA C 192 3.05 -6.29 -9.72
C ALA C 192 1.88 -5.58 -10.39
N ALA C 193 2.17 -4.53 -11.15
CA ALA C 193 1.08 -3.79 -11.83
C ALA C 193 0.36 -4.71 -12.83
N PHE C 194 1.14 -5.51 -13.55
CA PHE C 194 0.62 -6.45 -14.52
C PHE C 194 -0.37 -7.42 -13.84
N SER C 195 0.08 -8.04 -12.75
CA SER C 195 -0.78 -8.89 -11.94
C SER C 195 -2.10 -8.27 -11.52
N GLN C 196 -2.06 -7.05 -11.00
CA GLN C 196 -3.28 -6.36 -10.61
C GLN C 196 -4.19 -6.21 -11.82
N GLY C 197 -3.64 -5.62 -12.89
CA GLY C 197 -4.43 -5.30 -14.07
C GLY C 197 -5.06 -6.54 -14.67
N LEU C 198 -4.26 -7.60 -14.77
CA LEU C 198 -4.72 -8.82 -15.40
C LEU C 198 -5.83 -9.44 -14.56
N ALA C 199 -5.66 -9.37 -13.24
CA ALA C 199 -6.65 -9.87 -12.33
C ALA C 199 -7.98 -9.14 -12.55
N LEU C 200 -7.94 -7.80 -12.54
CA LEU C 200 -9.15 -7.02 -12.82
C LEU C 200 -9.76 -7.47 -14.15
N ARG C 201 -8.96 -7.45 -15.22
CA ARG C 201 -9.42 -7.84 -16.55
C ARG C 201 -10.04 -9.24 -16.60
N LEU C 202 -9.51 -10.16 -15.78
CA LEU C 202 -9.91 -11.57 -15.89
C LEU C 202 -11.00 -11.99 -14.90
N ALA C 203 -11.46 -11.03 -14.12
CA ALA C 203 -12.42 -11.29 -13.04
C ALA C 203 -13.73 -11.92 -13.50
N GLU C 204 -14.11 -11.71 -14.75
CA GLU C 204 -15.35 -12.30 -15.29
C GLU C 204 -15.18 -13.81 -15.55
N THR C 205 -13.97 -14.19 -15.95
CA THR C 205 -13.63 -15.59 -16.29
C THR C 205 -13.38 -16.34 -15.00
N GLY C 206 -13.16 -17.64 -15.10
CA GLY C 206 -12.76 -18.38 -13.91
C GLY C 206 -11.25 -18.31 -13.67
N ILE C 207 -10.59 -17.32 -14.24
CA ILE C 207 -9.11 -17.29 -14.15
C ILE C 207 -8.67 -16.29 -13.11
N ALA C 208 -8.14 -16.81 -12.02
CA ALA C 208 -7.57 -15.97 -10.96
C ALA C 208 -6.09 -15.67 -11.21
N VAL C 209 -5.66 -14.48 -10.82
CA VAL C 209 -4.27 -14.05 -10.98
C VAL C 209 -3.71 -13.65 -9.64
N PHE C 210 -2.51 -14.15 -9.34
CA PHE C 210 -1.87 -13.90 -8.04
C PHE C 210 -0.41 -13.51 -8.22
N GLU C 211 0.10 -12.79 -7.23
CA GLU C 211 1.51 -12.50 -7.17
C GLU C 211 2.07 -13.11 -5.88
N VAL C 212 3.24 -13.74 -5.98
CA VAL C 212 3.88 -14.39 -4.85
C VAL C 212 5.27 -13.81 -4.74
N ARG C 213 5.59 -13.24 -3.58
CA ARG C 213 6.85 -12.53 -3.41
C ARG C 213 7.77 -13.31 -2.47
N PRO C 214 8.62 -14.20 -3.03
CA PRO C 214 9.53 -14.99 -2.21
C PRO C 214 10.54 -14.10 -1.54
N GLY C 215 10.93 -14.46 -0.32
CA GLY C 215 12.10 -13.88 0.35
C GLY C 215 13.33 -14.60 -0.18
N ILE C 216 14.35 -14.73 0.65
CA ILE C 216 15.55 -15.47 0.23
C ILE C 216 15.38 -16.94 0.59
N ILE C 217 15.77 -17.82 -0.34
CA ILE C 217 15.55 -19.25 -0.22
C ILE C 217 16.84 -20.07 -0.46
N ARG C 218 16.94 -21.24 0.18
CA ARG C 218 18.08 -22.17 0.04
C ARG C 218 18.17 -22.86 -1.33
N SER C 219 19.40 -23.20 -1.73
CA SER C 219 19.68 -23.92 -2.98
C SER C 219 19.37 -25.42 -2.83
N ARG C 242 16.06 -19.58 9.81
CA ARG C 242 16.87 -19.07 8.71
C ARG C 242 16.03 -18.79 7.46
N TRP C 243 16.56 -19.16 6.29
CA TRP C 243 15.85 -18.99 5.03
C TRP C 243 14.80 -20.05 4.87
N GLY C 244 13.92 -19.88 3.91
CA GLY C 244 12.97 -20.92 3.56
C GLY C 244 13.50 -21.86 2.50
N GLU C 245 12.70 -22.86 2.18
CA GLU C 245 13.03 -23.85 1.17
C GLU C 245 12.17 -23.61 -0.07
N PRO C 246 12.63 -24.08 -1.24
CA PRO C 246 11.75 -24.06 -2.40
C PRO C 246 10.38 -24.69 -2.08
N GLU C 247 10.35 -25.65 -1.16
CA GLU C 247 9.10 -26.29 -0.77
C GLU C 247 8.09 -25.33 -0.11
N ASP C 248 8.58 -24.33 0.59
CA ASP C 248 7.71 -23.34 1.22
C ASP C 248 6.96 -22.50 0.18
N ILE C 249 7.64 -22.23 -0.94
CA ILE C 249 7.02 -21.51 -2.04
C ILE C 249 6.11 -22.42 -2.85
N GLY C 250 6.55 -23.67 -3.03
CA GLY C 250 5.75 -24.67 -3.70
C GLY C 250 4.39 -24.86 -3.05
N ASN C 251 4.38 -24.89 -1.72
CA ASN C 251 3.15 -25.16 -0.99
C ASN C 251 2.13 -24.05 -1.21
N ILE C 252 2.64 -22.82 -1.16
CA ILE C 252 1.89 -21.62 -1.42
C ILE C 252 1.29 -21.61 -2.82
N VAL C 253 2.11 -21.94 -3.82
CA VAL C 253 1.60 -21.97 -5.19
C VAL C 253 0.60 -23.09 -5.33
N ALA C 254 0.93 -24.27 -4.81
CA ALA C 254 -0.01 -25.37 -4.85
C ALA C 254 -1.31 -24.94 -4.19
N GLY C 255 -1.20 -24.17 -3.11
CA GLY C 255 -2.39 -23.68 -2.43
C GLY C 255 -3.19 -22.78 -3.36
N LEU C 256 -2.52 -21.78 -3.91
CA LEU C 256 -3.22 -20.87 -4.81
C LEU C 256 -3.83 -21.57 -6.03
N ALA C 257 -3.19 -22.64 -6.49
CA ALA C 257 -3.58 -23.30 -7.73
C ALA C 257 -4.68 -24.33 -7.51
N GLY C 258 -4.99 -24.64 -6.26
CA GLY C 258 -5.88 -25.75 -5.96
C GLY C 258 -7.37 -25.46 -6.12
N GLY C 259 -7.74 -24.21 -6.34
CA GLY C 259 -9.17 -23.90 -6.50
C GLY C 259 -9.81 -23.13 -5.35
N GLN C 260 -9.28 -23.26 -4.14
CA GLN C 260 -9.90 -22.63 -2.97
C GLN C 260 -9.82 -21.12 -2.98
N PHE C 261 -8.96 -20.58 -3.84
CA PHE C 261 -8.68 -19.15 -3.86
C PHE C 261 -9.23 -18.39 -5.05
N GLY C 262 -10.21 -18.99 -5.74
CA GLY C 262 -10.86 -18.36 -6.90
C GLY C 262 -11.41 -16.98 -6.64
N PHE C 263 -11.87 -16.74 -5.42
CA PHE C 263 -12.50 -15.47 -5.11
C PHE C 263 -11.47 -14.43 -4.65
N ALA C 264 -10.19 -14.77 -4.76
CA ALA C 264 -9.14 -13.99 -4.12
C ALA C 264 -8.18 -13.39 -5.13
N THR C 265 -8.60 -13.39 -6.39
CA THR C 265 -7.79 -12.89 -7.49
C THR C 265 -7.30 -11.46 -7.20
N GLY C 266 -6.07 -11.17 -7.62
CA GLY C 266 -5.46 -9.89 -7.32
C GLY C 266 -4.68 -9.87 -6.02
N SER C 267 -4.72 -10.95 -5.25
CA SER C 267 -4.02 -11.01 -3.96
C SER C 267 -2.51 -11.09 -4.13
N VAL C 268 -1.80 -10.43 -3.25
CA VAL C 268 -0.35 -10.48 -3.19
C VAL C 268 0.01 -11.36 -2.00
N ILE C 269 0.77 -12.42 -2.25
CA ILE C 269 1.18 -13.27 -1.14
C ILE C 269 2.64 -13.07 -0.78
N GLN C 270 2.84 -12.66 0.46
CA GLN C 270 4.15 -12.57 1.07
C GLN C 270 4.64 -13.96 1.31
N ALA C 271 5.81 -14.29 0.81
CA ALA C 271 6.35 -15.60 1.03
C ALA C 271 7.80 -15.48 1.52
N ASP C 272 8.00 -14.72 2.58
CA ASP C 272 9.34 -14.58 3.17
C ASP C 272 9.40 -15.00 4.63
N GLY C 273 8.42 -15.78 5.09
CA GLY C 273 8.35 -16.19 6.50
C GLY C 273 8.16 -15.02 7.43
N GLY C 274 7.59 -13.94 6.90
CA GLY C 274 7.33 -12.72 7.63
C GLY C 274 8.58 -12.14 8.24
N LEU C 275 9.58 -11.86 7.42
CA LEU C 275 10.83 -11.33 7.94
C LEU C 275 11.08 -9.89 7.46
N SER C 276 10.35 -9.48 6.42
CA SER C 276 10.40 -8.10 5.91
C SER C 276 9.72 -7.09 6.84
N MSE D 24 -6.76 47.90 -2.73
CA MSE D 24 -6.03 46.67 -2.28
C MSE D 24 -6.74 46.03 -1.12
O MSE D 24 -7.18 46.70 -0.19
CB MSE D 24 -4.59 47.01 -1.94
CG MSE D 24 -3.74 47.19 -3.21
SE MSE D 24 -3.68 45.50 -4.23
CE MSE D 24 -4.42 46.17 -5.94
N THR D 25 -6.83 44.70 -1.18
CA THR D 25 -7.63 43.96 -0.24
C THR D 25 -6.76 43.35 0.85
N GLN D 26 -7.13 43.59 2.11
CA GLN D 26 -6.45 42.99 3.26
C GLN D 26 -6.90 41.56 3.48
N LYS D 27 -5.94 40.65 3.60
CA LYS D 27 -6.27 39.25 3.92
C LYS D 27 -6.04 39.03 5.39
N ALA D 28 -6.91 38.24 5.99
CA ALA D 28 -6.77 37.85 7.39
C ALA D 28 -5.59 36.91 7.55
N ARG D 29 -4.81 37.08 8.63
CA ARG D 29 -3.86 36.04 9.03
C ARG D 29 -4.68 34.79 9.34
N PRO D 30 -4.38 33.68 8.65
CA PRO D 30 -5.15 32.46 8.90
C PRO D 30 -4.83 31.86 10.28
N VAL D 31 -5.83 31.25 10.91
CA VAL D 31 -5.73 30.78 12.30
C VAL D 31 -5.45 29.29 12.39
N ALA D 32 -4.38 28.93 13.11
CA ALA D 32 -4.07 27.52 13.32
C ALA D 32 -4.13 27.09 14.78
N ILE D 33 -4.78 25.95 15.02
CA ILE D 33 -4.74 25.30 16.30
C ILE D 33 -3.68 24.22 16.20
N VAL D 34 -2.60 24.40 16.93
CA VAL D 34 -1.55 23.40 17.05
C VAL D 34 -1.69 22.73 18.43
N THR D 35 -2.23 21.52 18.45
CA THR D 35 -2.41 20.81 19.71
C THR D 35 -1.05 20.32 20.21
N GLY D 36 -0.79 20.53 21.49
CA GLY D 36 0.52 20.26 22.06
C GLY D 36 1.58 21.12 21.39
N GLY D 37 1.21 22.33 21.01
CA GLY D 37 2.17 23.24 20.38
C GLY D 37 3.20 23.89 21.30
N ARG D 38 3.17 23.58 22.60
CA ARG D 38 4.02 24.29 23.55
C ARG D 38 5.51 23.85 23.54
N ARG D 39 5.74 22.57 23.30
CA ARG D 39 7.09 21.97 23.30
C ARG D 39 7.36 21.10 22.06
N GLY D 40 8.63 20.81 21.83
CA GLY D 40 9.05 19.81 20.87
C GLY D 40 8.57 20.04 19.45
N ILE D 41 7.94 19.02 18.88
CA ILE D 41 7.49 19.05 17.48
C ILE D 41 6.40 20.12 17.25
N GLY D 42 5.39 20.13 18.12
CA GLY D 42 4.36 21.17 18.11
C GLY D 42 4.91 22.59 18.05
N LEU D 43 5.91 22.88 18.90
CA LEU D 43 6.59 24.17 18.87
C LEU D 43 7.23 24.42 17.52
N GLY D 44 7.86 23.39 16.97
CA GLY D 44 8.47 23.50 15.65
C GLY D 44 7.44 23.96 14.65
N ILE D 45 6.31 23.24 14.62
CA ILE D 45 5.22 23.56 13.71
C ILE D 45 4.68 24.97 13.98
N ALA D 46 4.46 25.27 15.26
CA ALA D 46 3.90 26.54 15.67
C ALA D 46 4.77 27.72 15.23
N ARG D 47 6.09 27.55 15.29
CA ARG D 47 7.05 28.55 14.76
C ARG D 47 6.97 28.74 13.26
N ALA D 48 7.03 27.63 12.53
CA ALA D 48 6.97 27.65 11.07
C ALA D 48 5.70 28.33 10.58
N LEU D 49 4.55 27.98 11.18
CA LEU D 49 3.28 28.64 10.82
C LEU D 49 3.28 30.12 11.19
N ALA D 50 3.79 30.45 12.36
CA ALA D 50 3.88 31.84 12.77
C ALA D 50 4.68 32.59 11.72
N ALA D 51 5.93 32.16 11.52
CA ALA D 51 6.85 32.81 10.59
C ALA D 51 6.27 33.01 9.19
N SER D 52 5.25 32.22 8.83
CA SER D 52 4.68 32.26 7.48
C SER D 52 3.26 32.86 7.39
N GLY D 53 2.82 33.55 8.45
CA GLY D 53 1.63 34.39 8.36
C GLY D 53 0.37 33.95 9.11
N PHE D 54 0.49 32.90 9.92
CA PHE D 54 -0.62 32.38 10.70
C PHE D 54 -0.69 33.02 12.09
N ASP D 55 -1.91 33.16 12.60
CA ASP D 55 -2.12 33.34 14.04
C ASP D 55 -2.25 31.96 14.67
N ILE D 56 -1.80 31.84 15.92
CA ILE D 56 -1.66 30.54 16.56
C ILE D 56 -2.45 30.42 17.86
N ALA D 57 -3.20 29.32 17.98
CA ALA D 57 -3.75 28.85 19.26
C ALA D 57 -3.12 27.50 19.60
N ILE D 58 -2.46 27.45 20.75
CA ILE D 58 -1.80 26.25 21.23
C ILE D 58 -2.64 25.69 22.34
N THR D 59 -2.82 24.38 22.36
CA THR D 59 -3.44 23.71 23.51
C THR D 59 -2.42 22.93 24.30
N GLY D 60 -2.74 22.67 25.56
CA GLY D 60 -1.84 21.97 26.47
C GLY D 60 -2.42 21.82 27.87
N ILE D 61 -1.57 21.42 28.82
CA ILE D 61 -1.95 21.10 30.21
C ILE D 61 -1.06 21.86 31.22
N GLY D 62 -0.05 22.57 30.73
CA GLY D 62 1.01 23.11 31.57
C GLY D 62 0.83 24.44 32.30
N ASP D 63 1.52 24.56 33.42
CA ASP D 63 1.40 25.71 34.30
C ASP D 63 1.78 27.04 33.64
N ALA D 64 1.41 28.14 34.30
CA ALA D 64 1.68 29.50 33.84
C ALA D 64 3.13 29.69 33.36
N GLU D 65 4.07 29.07 34.07
CA GLU D 65 5.50 29.23 33.80
C GLU D 65 5.89 28.68 32.44
N GLY D 66 5.57 27.41 32.19
CA GLY D 66 5.91 26.78 30.93
C GLY D 66 5.27 27.39 29.69
N VAL D 67 4.59 28.53 29.85
CA VAL D 67 3.80 29.14 28.77
C VAL D 67 4.39 30.46 28.22
N ALA D 68 4.88 31.29 29.14
CA ALA D 68 5.21 32.70 28.89
C ALA D 68 6.20 33.03 27.75
N PRO D 69 7.42 32.44 27.78
CA PRO D 69 8.37 32.85 26.74
C PRO D 69 8.04 32.28 25.36
N VAL D 70 7.12 31.31 25.33
CA VAL D 70 6.65 30.67 24.09
C VAL D 70 5.71 31.60 23.32
N ILE D 71 4.63 32.04 23.98
CA ILE D 71 3.75 33.07 23.45
C ILE D 71 4.57 34.29 23.03
N ALA D 72 5.57 34.65 23.83
CA ALA D 72 6.42 35.81 23.54
C ALA D 72 7.28 35.59 22.28
N GLU D 73 7.88 34.39 22.15
CA GLU D 73 8.72 34.10 20.98
C GLU D 73 7.90 34.13 19.70
N LEU D 74 6.75 33.46 19.75
CA LEU D 74 5.80 33.40 18.63
C LEU D 74 5.16 34.75 18.33
N SER D 75 5.01 35.59 19.35
CA SER D 75 4.54 36.96 19.13
C SER D 75 5.55 37.75 18.34
N GLY D 76 6.84 37.56 18.68
CA GLY D 76 7.95 38.19 17.97
C GLY D 76 8.03 37.86 16.49
N LEU D 77 7.74 36.60 16.16
CA LEU D 77 7.72 36.15 14.76
C LEU D 77 6.54 36.75 13.93
N GLY D 78 5.59 37.38 14.62
CA GLY D 78 4.52 38.15 13.97
C GLY D 78 3.08 37.73 14.24
N ALA D 79 2.87 36.77 15.14
CA ALA D 79 1.54 36.19 15.36
C ALA D 79 0.85 36.70 16.62
N ARG D 80 -0.48 36.66 16.60
CA ARG D 80 -1.27 36.79 17.81
C ARG D 80 -1.43 35.36 18.32
N VAL D 81 -1.09 35.13 19.59
CA VAL D 81 -0.98 33.76 20.12
C VAL D 81 -1.74 33.59 21.42
N ILE D 82 -2.64 32.59 21.46
CA ILE D 82 -3.31 32.27 22.72
C ILE D 82 -3.00 30.86 23.13
N PHE D 83 -2.89 30.65 24.44
CA PHE D 83 -2.75 29.31 24.97
C PHE D 83 -4.03 28.87 25.65
N LEU D 84 -4.44 27.64 25.39
CA LEU D 84 -5.64 27.10 26.02
C LEU D 84 -5.32 25.82 26.77
N ARG D 85 -5.63 25.81 28.05
CA ARG D 85 -5.38 24.64 28.86
C ARG D 85 -6.47 23.64 28.50
N ALA D 86 -6.05 22.52 27.94
CA ALA D 86 -6.99 21.47 27.56
C ALA D 86 -6.34 20.10 27.60
N ASP D 87 -6.96 19.17 28.33
CA ASP D 87 -6.67 17.76 28.11
C ASP D 87 -7.65 17.30 27.05
N LEU D 88 -7.14 17.11 25.83
CA LEU D 88 -7.97 16.76 24.71
C LEU D 88 -8.56 15.35 24.82
N ALA D 89 -7.98 14.56 25.73
CA ALA D 89 -8.51 13.25 26.05
C ALA D 89 -9.90 13.38 26.67
N ASP D 90 -10.15 14.50 27.34
CA ASP D 90 -11.45 14.76 27.96
C ASP D 90 -12.40 15.44 26.96
N LEU D 91 -13.35 14.66 26.44
CA LEU D 91 -14.30 15.12 25.42
C LEU D 91 -15.16 16.34 25.76
N SER D 92 -15.49 16.50 27.03
CA SER D 92 -16.37 17.61 27.41
C SER D 92 -15.66 19.00 27.37
N SER D 93 -14.32 18.99 27.31
CA SER D 93 -13.53 20.22 27.22
C SER D 93 -13.38 20.72 25.78
N HIS D 94 -13.74 19.89 24.82
CA HIS D 94 -13.61 20.24 23.41
C HIS D 94 -14.33 21.53 23.06
N GLN D 95 -15.64 21.56 23.27
CA GLN D 95 -16.44 22.69 22.83
C GLN D 95 -15.98 24.04 23.40
N ALA D 96 -15.57 24.07 24.66
CA ALA D 96 -15.02 25.30 25.25
C ALA D 96 -13.73 25.72 24.58
N THR D 97 -12.87 24.74 24.27
CA THR D 97 -11.58 25.03 23.63
C THR D 97 -11.77 25.70 22.27
N VAL D 98 -12.57 25.07 21.39
CA VAL D 98 -12.92 25.64 20.10
C VAL D 98 -13.54 27.03 20.24
N ASP D 99 -14.57 27.14 21.09
CA ASP D 99 -15.26 28.41 21.34
C ASP D 99 -14.31 29.52 21.74
N ALA D 100 -13.30 29.18 22.54
CA ALA D 100 -12.28 30.15 22.93
C ALA D 100 -11.50 30.66 21.72
N VAL D 101 -11.17 29.75 20.79
CA VAL D 101 -10.38 30.11 19.61
C VAL D 101 -11.19 31.00 18.70
N VAL D 102 -12.43 30.60 18.48
CA VAL D 102 -13.39 31.36 17.71
C VAL D 102 -13.64 32.73 18.36
N ALA D 103 -13.77 32.78 19.68
CA ALA D 103 -14.02 34.06 20.37
C ALA D 103 -12.86 35.05 20.20
N GLU D 104 -11.65 34.54 19.96
CA GLU D 104 -10.46 35.39 19.86
C GLU D 104 -10.18 35.89 18.44
N PHE D 105 -10.32 35.01 17.46
CA PHE D 105 -9.98 35.33 16.06
C PHE D 105 -11.17 35.33 15.12
N GLY D 106 -12.26 34.68 15.53
CA GLY D 106 -13.48 34.64 14.75
C GLY D 106 -13.55 33.60 13.65
N ARG D 107 -12.50 32.79 13.53
CA ARG D 107 -12.38 31.79 12.46
C ARG D 107 -11.28 30.78 12.78
N ILE D 108 -11.38 29.57 12.24
CA ILE D 108 -10.31 28.59 12.31
C ILE D 108 -9.95 28.17 10.89
N ASP D 109 -8.67 28.21 10.56
CA ASP D 109 -8.24 27.89 9.18
C ASP D 109 -7.47 26.60 9.08
N CYS D 110 -6.81 26.23 10.17
CA CYS D 110 -5.94 25.08 10.17
C CYS D 110 -5.94 24.36 11.52
N LEU D 111 -6.19 23.06 11.49
CA LEU D 111 -5.99 22.21 12.66
C LEU D 111 -4.76 21.34 12.47
N VAL D 112 -3.80 21.46 13.38
CA VAL D 112 -2.69 20.51 13.41
C VAL D 112 -2.89 19.64 14.64
N ASN D 113 -3.22 18.38 14.39
CA ASN D 113 -3.40 17.37 15.44
C ASN D 113 -2.05 16.75 15.73
N ASN D 114 -1.39 17.27 16.76
CA ASN D 114 -0.02 16.89 17.06
C ASN D 114 0.11 16.12 18.37
N ALA D 115 0.52 14.86 18.28
CA ALA D 115 0.77 13.98 19.44
C ALA D 115 -0.45 13.78 20.34
N ASP D 123 7.75 -3.34 24.46
CA ASP D 123 6.80 -4.21 25.16
C ASP D 123 6.41 -5.40 24.27
N ASP D 124 6.12 -6.53 24.93
CA ASP D 124 5.77 -7.79 24.27
C ASP D 124 4.25 -7.99 24.30
N PHE D 125 3.68 -8.45 23.19
CA PHE D 125 2.23 -8.57 23.06
C PHE D 125 1.55 -9.38 24.17
N LEU D 126 2.18 -10.47 24.60
CA LEU D 126 1.62 -11.29 25.68
C LEU D 126 1.48 -10.50 26.98
N ASP D 127 2.22 -9.40 27.10
CA ASP D 127 2.19 -8.52 28.27
C ASP D 127 1.20 -7.37 28.09
N LEU D 128 0.57 -7.27 26.92
CA LEU D 128 -0.31 -6.13 26.64
C LEU D 128 -1.55 -6.20 27.53
N LYS D 129 -1.94 -5.04 28.06
CA LYS D 129 -3.00 -4.95 29.05
C LYS D 129 -4.17 -4.13 28.53
N PRO D 130 -5.40 -4.56 28.82
CA PRO D 130 -6.57 -3.80 28.40
C PRO D 130 -6.46 -2.30 28.74
N GLU D 131 -5.97 -1.97 29.93
CA GLU D 131 -5.76 -0.57 30.32
C GLU D 131 -4.89 0.21 29.33
N ASN D 132 -3.82 -0.43 28.84
CA ASN D 132 -2.94 0.17 27.82
C ASN D 132 -3.74 0.56 26.60
N PHE D 133 -4.47 -0.42 26.09
CA PHE D 133 -5.33 -0.23 24.94
C PHE D 133 -6.32 0.89 25.23
N ASP D 134 -6.95 0.86 26.40
CA ASP D 134 -7.94 1.87 26.74
C ASP D 134 -7.34 3.25 26.60
N THR D 135 -6.11 3.40 27.07
CA THR D 135 -5.45 4.69 27.13
C THR D 135 -5.14 5.21 25.74
N ILE D 136 -4.47 4.39 24.94
CA ILE D 136 -4.00 4.85 23.65
C ILE D 136 -5.08 4.82 22.56
N VAL D 137 -5.62 3.65 22.28
CA VAL D 137 -6.71 3.58 21.35
C VAL D 137 -7.99 4.10 21.87
N GLY D 138 -8.29 3.69 23.08
CA GLY D 138 -9.58 3.89 23.68
C GLY D 138 -9.89 5.32 23.96
N VAL D 139 -8.87 6.03 24.38
CA VAL D 139 -9.06 7.38 24.85
C VAL D 139 -8.34 8.46 24.07
N ASN D 140 -7.04 8.32 23.87
CA ASN D 140 -6.31 9.33 23.12
C ASN D 140 -6.68 9.49 21.66
N LEU D 141 -6.78 8.40 20.92
CA LEU D 141 -7.29 8.43 19.54
C LEU D 141 -8.71 9.00 19.48
N ARG D 142 -9.58 8.55 20.39
CA ARG D 142 -10.92 9.12 20.49
C ARG D 142 -10.89 10.67 20.62
N GLY D 143 -10.01 11.16 21.50
CA GLY D 143 -9.79 12.58 21.70
C GLY D 143 -9.52 13.32 20.40
N THR D 144 -8.60 12.77 19.61
CA THR D 144 -8.18 13.39 18.35
C THR D 144 -9.33 13.44 17.37
N VAL D 145 -10.01 12.32 17.22
CA VAL D 145 -11.13 12.22 16.30
C VAL D 145 -12.21 13.25 16.65
N PHE D 146 -12.60 13.31 17.91
CA PHE D 146 -13.71 14.18 18.29
C PHE D 146 -13.33 15.65 18.46
N PHE D 147 -12.08 15.93 18.79
CA PHE D 147 -11.64 17.29 18.76
C PHE D 147 -11.62 17.78 17.33
N THR D 148 -11.26 16.88 16.41
CA THR D 148 -11.28 17.20 15.00
C THR D 148 -12.72 17.50 14.57
N GLN D 149 -13.65 16.70 15.04
CA GLN D 149 -15.07 16.90 14.74
C GLN D 149 -15.57 18.25 15.23
N ALA D 150 -15.08 18.69 16.39
CA ALA D 150 -15.55 19.94 16.96
C ALA D 150 -14.98 21.11 16.14
N VAL D 151 -13.69 21.06 15.85
CA VAL D 151 -13.08 22.09 15.00
C VAL D 151 -13.73 22.10 13.62
N LEU D 152 -13.95 20.92 13.07
CA LEU D 152 -14.58 20.84 11.76
C LEU D 152 -15.89 21.61 11.69
N LYS D 153 -16.78 21.36 12.66
CA LYS D 153 -18.08 22.04 12.72
C LYS D 153 -17.95 23.57 12.66
N ALA D 154 -16.95 24.08 13.38
CA ALA D 154 -16.68 25.51 13.44
C ALA D 154 -16.07 26.05 12.16
N MSE D 155 -15.29 25.22 11.48
CA MSE D 155 -14.68 25.60 10.21
C MSE D 155 -15.79 25.72 9.22
O MSE D 155 -15.90 26.73 8.53
CB MSE D 155 -13.73 24.51 9.72
CG MSE D 155 -12.35 24.63 10.38
SE MSE D 155 -11.28 23.14 9.70
CE MSE D 155 -9.49 23.89 10.05
N LEU D 156 -16.62 24.69 9.16
CA LEU D 156 -17.73 24.60 8.22
C LEU D 156 -18.81 25.68 8.39
N ALA D 157 -19.07 26.07 9.64
CA ALA D 157 -20.07 27.09 9.91
C ALA D 157 -19.62 28.44 9.37
N SER D 158 -18.35 28.75 9.48
CA SER D 158 -17.92 30.10 9.17
C SER D 158 -18.28 30.39 7.74
N ASP D 159 -18.10 29.43 6.86
CA ASP D 159 -18.74 29.55 5.58
C ASP D 159 -17.96 30.40 4.60
N ALA D 160 -16.81 30.90 5.01
CA ALA D 160 -16.07 31.68 4.06
C ALA D 160 -15.81 30.72 2.92
N ARG D 161 -15.52 29.47 3.26
CA ARG D 161 -15.22 28.45 2.25
C ARG D 161 -13.83 28.53 1.58
N ALA D 162 -12.95 29.38 2.13
CA ALA D 162 -11.58 29.52 1.64
C ALA D 162 -10.78 28.25 1.95
N SER D 163 -9.49 28.26 1.66
CA SER D 163 -8.70 27.04 1.81
C SER D 163 -8.26 26.83 3.27
N ARG D 164 -8.65 25.68 3.79
CA ARG D 164 -8.37 25.27 5.16
C ARG D 164 -7.70 23.91 5.13
N SER D 165 -7.05 23.54 6.23
CA SER D 165 -6.35 22.27 6.28
C SER D 165 -6.44 21.60 7.64
N ILE D 166 -6.50 20.27 7.61
CA ILE D 166 -6.37 19.44 8.79
C ILE D 166 -5.17 18.54 8.58
N ILE D 167 -4.20 18.70 9.46
CA ILE D 167 -2.94 18.03 9.29
C ILE D 167 -2.72 17.15 10.49
N ASN D 168 -2.75 15.86 10.24
CA ASN D 168 -2.57 14.87 11.29
C ASN D 168 -1.13 14.36 11.36
N ILE D 169 -0.50 14.52 12.52
CA ILE D 169 0.88 14.13 12.70
C ILE D 169 0.95 12.78 13.39
N THR D 170 1.65 11.83 12.76
CA THR D 170 1.71 10.46 13.27
C THR D 170 3.14 10.11 13.68
N SER D 171 3.74 9.18 12.93
CA SER D 171 5.09 8.61 13.20
C SER D 171 5.48 7.58 12.11
N VAL D 172 6.78 7.28 12.02
CA VAL D 172 7.31 6.16 11.22
C VAL D 172 8.81 5.96 11.48
N PRO D 179 10.70 -3.80 17.98
CA PRO D 179 9.27 -3.93 17.66
C PRO D 179 8.39 -3.04 18.54
N GLU D 180 7.59 -2.18 17.91
CA GLU D 180 6.70 -1.25 18.60
C GLU D 180 5.49 -1.96 19.26
N ARG D 181 4.86 -1.27 20.21
CA ARG D 181 3.72 -1.84 20.94
C ARG D 181 2.45 -1.78 20.10
N LEU D 182 1.74 -2.92 20.04
CA LEU D 182 0.63 -3.12 19.10
C LEU D 182 -0.54 -2.17 19.26
N ASP D 183 -0.74 -1.60 20.45
CA ASP D 183 -1.78 -0.58 20.63
C ASP D 183 -1.43 0.78 19.98
N TYR D 184 -0.17 1.20 20.04
CA TYR D 184 0.27 2.39 19.32
C TYR D 184 0.14 2.18 17.82
N CYS D 185 0.58 1.00 17.35
CA CYS D 185 0.48 0.66 15.92
C CYS D 185 -0.97 0.79 15.46
N MSE D 186 -1.89 0.28 16.28
CA MSE D 186 -3.33 0.32 15.96
C MSE D 186 -3.89 1.73 15.95
O MSE D 186 -4.70 2.06 15.07
CB MSE D 186 -4.19 -0.56 16.87
CG MSE D 186 -3.60 -1.94 16.97
SE MSE D 186 -4.93 -3.16 17.77
CE MSE D 186 -4.09 -3.39 19.53
N SER D 187 -3.50 2.55 16.92
CA SER D 187 -3.97 3.95 16.93
C SER D 187 -3.41 4.72 15.75
N LYS D 188 -2.12 4.53 15.45
CA LYS D 188 -1.51 5.08 14.26
C LYS D 188 -2.25 4.67 12.97
N ALA D 189 -2.60 3.39 12.84
CA ALA D 189 -3.37 2.94 11.67
C ALA D 189 -4.77 3.56 11.69
N GLY D 190 -5.35 3.66 12.90
CA GLY D 190 -6.64 4.33 13.06
C GLY D 190 -6.59 5.76 12.55
N LEU D 191 -5.52 6.46 12.92
CA LEU D 191 -5.36 7.84 12.56
C LEU D 191 -5.23 7.98 11.05
N ALA D 192 -4.37 7.13 10.47
CA ALA D 192 -4.16 7.15 9.03
C ALA D 192 -5.48 6.92 8.29
N ALA D 193 -6.24 5.89 8.69
CA ALA D 193 -7.54 5.60 8.06
C ALA D 193 -8.52 6.77 8.21
N PHE D 194 -8.47 7.42 9.37
CA PHE D 194 -9.22 8.64 9.64
C PHE D 194 -8.87 9.80 8.69
N SER D 195 -7.58 10.02 8.44
CA SER D 195 -7.15 11.06 7.48
C SER D 195 -7.76 10.83 6.12
N GLN D 196 -7.56 9.62 5.57
CA GLN D 196 -8.09 9.22 4.26
C GLN D 196 -9.59 9.46 4.13
N GLY D 197 -10.34 9.01 5.13
CA GLY D 197 -11.79 9.12 5.13
C GLY D 197 -12.29 10.54 5.24
N LEU D 198 -11.59 11.38 5.99
CA LEU D 198 -11.90 12.81 6.10
C LEU D 198 -11.66 13.50 4.79
N ALA D 199 -10.47 13.27 4.22
CA ALA D 199 -10.12 13.77 2.89
C ALA D 199 -11.28 13.55 1.95
N LEU D 200 -11.70 12.30 1.81
CA LEU D 200 -12.81 11.98 0.90
C LEU D 200 -14.10 12.74 1.25
N ARG D 201 -14.49 12.73 2.52
CA ARG D 201 -15.71 13.43 2.95
C ARG D 201 -15.59 14.95 2.79
N LEU D 202 -14.37 15.48 2.92
CA LEU D 202 -14.19 16.92 2.82
C LEU D 202 -13.78 17.35 1.43
N ALA D 203 -13.74 16.40 0.50
CA ALA D 203 -13.20 16.64 -0.84
C ALA D 203 -13.84 17.80 -1.61
N GLU D 204 -15.09 18.13 -1.28
CA GLU D 204 -15.81 19.16 -2.03
C GLU D 204 -15.91 20.49 -1.28
N THR D 205 -15.34 20.53 -0.07
CA THR D 205 -15.14 21.77 0.68
C THR D 205 -13.75 22.26 0.34
N GLY D 206 -13.36 23.40 0.93
CA GLY D 206 -11.98 23.88 0.77
C GLY D 206 -11.03 23.32 1.82
N ILE D 207 -11.45 22.26 2.53
CA ILE D 207 -10.63 21.68 3.59
C ILE D 207 -9.87 20.45 3.09
N ALA D 208 -8.55 20.58 3.05
CA ALA D 208 -7.66 19.48 2.70
C ALA D 208 -7.23 18.72 3.95
N VAL D 209 -7.10 17.41 3.85
CA VAL D 209 -6.60 16.65 4.99
C VAL D 209 -5.29 15.98 4.63
N PHE D 210 -4.29 16.16 5.48
CA PHE D 210 -2.97 15.56 5.24
C PHE D 210 -2.52 14.73 6.42
N GLU D 211 -1.62 13.79 6.16
CA GLU D 211 -0.97 13.05 7.22
C GLU D 211 0.55 13.22 7.12
N VAL D 212 1.19 13.65 8.20
CA VAL D 212 2.63 13.82 8.22
C VAL D 212 3.18 12.74 9.15
N ARG D 213 4.16 11.98 8.66
CA ARG D 213 4.74 10.87 9.45
C ARG D 213 6.21 11.19 9.77
N PRO D 214 6.45 11.82 10.93
CA PRO D 214 7.83 12.19 11.27
C PRO D 214 8.64 10.99 11.69
N GLY D 215 9.94 11.08 11.46
CA GLY D 215 10.83 9.97 11.72
C GLY D 215 11.41 10.17 13.09
N ILE D 216 12.68 10.57 13.14
CA ILE D 216 13.36 10.71 14.41
C ILE D 216 13.88 12.14 14.58
N ILE D 217 13.64 12.70 15.77
CA ILE D 217 13.83 14.13 16.03
C ILE D 217 14.77 14.41 17.24
N ARG D 218 15.30 15.62 17.32
CA ARG D 218 16.21 16.05 18.41
C ARG D 218 15.50 16.66 19.62
N SER D 219 16.09 16.47 20.80
CA SER D 219 15.58 17.04 22.05
C SER D 219 16.04 18.49 22.22
N ARG D 242 22.81 14.00 11.19
CA ARG D 242 22.02 13.25 10.22
C ARG D 242 20.65 12.85 10.79
N TRP D 243 20.18 13.60 11.77
CA TRP D 243 18.86 13.41 12.38
C TRP D 243 17.88 14.38 11.78
N GLY D 244 16.69 14.47 12.38
CA GLY D 244 15.67 15.44 11.93
C GLY D 244 15.31 16.47 12.97
N GLU D 245 15.17 17.73 12.54
CA GLU D 245 14.79 18.86 13.40
C GLU D 245 13.27 18.98 13.57
N PRO D 246 12.80 19.61 14.67
CA PRO D 246 11.39 20.01 14.68
C PRO D 246 11.10 21.07 13.63
N GLU D 247 12.11 21.88 13.31
CA GLU D 247 12.01 22.85 12.21
C GLU D 247 11.67 22.17 10.86
N ASP D 248 12.24 20.99 10.64
CA ASP D 248 11.99 20.22 9.42
C ASP D 248 10.52 19.84 9.29
N ILE D 249 9.94 19.32 10.39
CA ILE D 249 8.51 19.03 10.43
C ILE D 249 7.70 20.30 10.21
N GLY D 250 8.08 21.37 10.91
CA GLY D 250 7.41 22.67 10.74
C GLY D 250 7.33 23.10 9.28
N ASN D 251 8.46 23.06 8.59
CA ASN D 251 8.52 23.44 7.19
C ASN D 251 7.52 22.71 6.33
N ILE D 252 7.44 21.39 6.53
CA ILE D 252 6.51 20.55 5.79
C ILE D 252 5.09 21.00 6.08
N VAL D 253 4.77 21.12 7.37
CA VAL D 253 3.45 21.56 7.79
C VAL D 253 3.11 22.96 7.29
N ALA D 254 4.01 23.93 7.47
CA ALA D 254 3.81 25.27 6.89
C ALA D 254 3.54 25.16 5.40
N GLY D 255 4.33 24.33 4.71
CA GLY D 255 4.14 24.12 3.28
C GLY D 255 2.73 23.62 3.00
N LEU D 256 2.30 22.58 3.71
CA LEU D 256 1.00 21.98 3.45
C LEU D 256 -0.14 22.91 3.79
N ALA D 257 0.08 23.80 4.77
CA ALA D 257 -1.00 24.66 5.23
C ALA D 257 -1.04 25.99 4.45
N GLY D 258 0.01 26.25 3.66
CA GLY D 258 0.15 27.54 2.96
C GLY D 258 -0.75 27.74 1.74
N GLY D 259 -1.48 26.73 1.30
CA GLY D 259 -2.41 26.90 0.20
C GLY D 259 -2.05 26.21 -1.11
N GLN D 260 -0.76 26.00 -1.35
CA GLN D 260 -0.32 25.37 -2.59
C GLN D 260 -0.76 23.91 -2.73
N PHE D 261 -1.29 23.32 -1.65
CA PHE D 261 -1.63 21.89 -1.67
C PHE D 261 -3.13 21.57 -1.62
N GLY D 262 -3.96 22.59 -1.76
CA GLY D 262 -5.41 22.42 -1.88
C GLY D 262 -5.86 21.17 -2.62
N PHE D 263 -5.19 20.85 -3.74
CA PHE D 263 -5.61 19.75 -4.60
C PHE D 263 -4.98 18.39 -4.23
N ALA D 264 -4.11 18.40 -3.21
CA ALA D 264 -3.36 17.21 -2.77
C ALA D 264 -3.97 16.52 -1.53
N THR D 265 -5.24 16.76 -1.29
CA THR D 265 -5.93 16.18 -0.14
C THR D 265 -5.83 14.63 -0.13
N GLY D 266 -5.59 14.07 1.05
CA GLY D 266 -5.39 12.61 1.18
C GLY D 266 -3.93 12.20 1.14
N SER D 267 -3.03 13.17 0.94
CA SER D 267 -1.61 12.87 0.82
C SER D 267 -1.00 12.52 2.15
N VAL D 268 -0.10 11.55 2.11
CA VAL D 268 0.70 11.17 3.27
C VAL D 268 2.12 11.62 3.01
N ILE D 269 2.68 12.44 3.90
CA ILE D 269 4.05 12.91 3.72
C ILE D 269 5.00 12.19 4.65
N GLN D 270 5.97 11.48 4.08
CA GLN D 270 7.07 10.86 4.84
C GLN D 270 7.99 11.97 5.28
N ALA D 271 8.46 11.91 6.50
CA ALA D 271 9.29 13.01 6.99
C ALA D 271 10.37 12.47 7.88
N ASP D 272 11.25 11.67 7.27
CA ASP D 272 12.38 11.10 7.97
C ASP D 272 13.66 11.24 7.15
N GLY D 273 13.69 12.22 6.26
CA GLY D 273 14.79 12.37 5.32
C GLY D 273 15.07 11.09 4.55
N GLY D 274 14.03 10.30 4.34
CA GLY D 274 14.12 9.10 3.52
C GLY D 274 14.85 7.93 4.15
N LEU D 275 14.63 7.72 5.43
CA LEU D 275 15.20 6.57 6.14
C LEU D 275 14.29 5.36 6.12
N SER D 276 12.98 5.63 6.03
CA SER D 276 11.93 4.60 5.91
C SER D 276 12.09 3.67 4.69
N ILE D 277 12.78 4.15 3.66
CA ILE D 277 13.10 3.32 2.48
C ILE D 277 14.41 2.58 2.73
S SO4 E . -23.88 -14.52 17.30
O1 SO4 E . -23.00 -13.64 18.11
O2 SO4 E . -23.14 -14.96 16.10
O3 SO4 E . -24.30 -15.68 18.11
O4 SO4 E . -25.10 -13.82 16.87
S SO4 F . 5.78 18.35 -26.70
O1 SO4 F . 5.46 19.26 -25.59
O2 SO4 F . 6.37 19.12 -27.82
O3 SO4 F . 6.73 17.33 -26.17
O4 SO4 F . 4.56 17.67 -27.19
S SO4 G . 16.72 -23.28 -16.98
O1 SO4 G . 17.64 -22.92 -15.87
O2 SO4 G . 17.50 -23.97 -18.05
O3 SO4 G . 15.69 -24.22 -16.47
O4 SO4 G . 16.04 -22.05 -17.46
S SO4 H . 1.39 20.37 27.13
O1 SO4 H . 1.41 21.84 26.90
O2 SO4 H . 0.66 19.68 26.02
O3 SO4 H . 2.79 19.90 27.19
O4 SO4 H . 0.70 20.09 28.39
#